data_3GXR
#
_entry.id   3GXR
#
_cell.length_a   110.190
_cell.length_b   75.520
_cell.length_c   78.290
_cell.angle_alpha   90.00
_cell.angle_beta   93.25
_cell.angle_gamma   90.00
#
_symmetry.space_group_name_H-M   'C 1 2 1'
#
loop_
_entity.id
_entity.type
_entity.pdbx_description
1 polymer 'Goose-type lysozyme 1'
2 branched 2-acetamido-2-deoxy-beta-D-glucopyranose-(1-4)-2-acetamido-2-deoxy-beta-D-glucopyranose
3 branched 2-acetamido-2-deoxy-beta-D-glucopyranose-(1-4)-2-acetamido-2-deoxy-beta-D-glucopyranose-(1-4)-2-acetamido-2-deoxy-beta-D-glucopyranose
4 water water
#
_entity_poly.entity_id   1
_entity_poly.type   'polypeptide(L)'
_entity_poly.pdbx_seq_one_letter_code
;VGYGDITQVETSGASSKTSRQDKLEYDGVRASHTMAQTDAGRMEKYKSFINNVAKKHVVDPAVIAAIISRESRAGNVIFN
TTPPGWGDNYNGFGLMQVDKRYHEPRGAWNSEEHIDQATGILVNFIQLIQKKFPSWSTEQQLKGAIAAYNTGDGRVESYE
SVDSRTTGKDYSNDVVARAQWYKKNGF
;
_entity_poly.pdbx_strand_id   A,B,C,D
#
# COMPACT_ATOMS: atom_id res chain seq x y z
N TYR A 3 -4.48 -6.08 -19.01
CA TYR A 3 -4.14 -5.50 -20.40
C TYR A 3 -2.65 -5.45 -20.77
N GLY A 4 -1.91 -6.48 -20.41
CA GLY A 4 -0.47 -6.36 -20.21
C GLY A 4 -0.46 -6.15 -18.71
N ASP A 5 0.68 -6.38 -18.07
CA ASP A 5 0.82 -6.33 -16.62
C ASP A 5 1.83 -5.21 -16.27
N ILE A 6 1.32 -4.16 -15.63
CA ILE A 6 2.10 -2.92 -15.45
C ILE A 6 3.40 -3.20 -14.65
N THR A 7 3.30 -4.12 -13.70
CA THR A 7 4.45 -4.51 -12.87
C THR A 7 5.59 -5.14 -13.68
N GLN A 8 5.28 -5.73 -14.84
CA GLN A 8 6.31 -6.30 -15.67
C GLN A 8 6.83 -5.42 -16.78
N VAL A 9 6.30 -4.19 -16.89
CA VAL A 9 6.81 -3.30 -17.91
C VAL A 9 8.17 -2.73 -17.52
N GLU A 10 9.11 -2.70 -18.45
CA GLU A 10 10.37 -2.16 -18.04
C GLU A 10 10.24 -0.67 -18.12
N THR A 11 11.00 0.01 -17.26
CA THR A 11 11.03 1.44 -17.35
C THR A 11 12.35 2.06 -16.86
N SER A 12 12.77 3.13 -17.53
CA SER A 12 13.83 4.02 -17.06
C SER A 12 13.33 5.31 -16.35
N GLY A 13 12.03 5.38 -16.07
CA GLY A 13 11.47 6.59 -15.38
C GLY A 13 11.66 7.92 -16.13
N ALA A 14 11.68 9.01 -15.35
CA ALA A 14 11.65 10.39 -15.86
C ALA A 14 13.03 10.83 -16.32
N SER A 15 13.02 11.66 -17.36
CA SER A 15 14.25 12.25 -17.90
C SER A 15 14.74 13.30 -16.93
N SER A 16 15.93 13.85 -17.17
CA SER A 16 16.40 14.87 -16.21
C SER A 16 15.57 16.13 -16.31
N LYS A 17 15.17 16.46 -17.53
CA LYS A 17 14.34 17.65 -17.79
C LYS A 17 13.04 17.57 -17.00
N THR A 18 12.38 16.43 -17.08
CA THR A 18 11.12 16.31 -16.36
C THR A 18 11.35 16.44 -14.88
N SER A 19 12.42 15.78 -14.44
CA SER A 19 12.77 15.65 -13.00
C SER A 19 13.10 17.04 -12.37
N ARG A 20 13.76 17.86 -13.16
CA ARG A 20 14.10 19.23 -12.82
C ARG A 20 12.88 20.06 -12.36
N GLN A 21 11.71 19.83 -12.95
CA GLN A 21 10.59 20.75 -12.77
C GLN A 21 9.98 20.57 -11.39
N ASP A 22 10.31 19.47 -10.73
CA ASP A 22 9.98 19.28 -9.32
C ASP A 22 11.19 19.59 -8.44
N LYS A 23 12.22 20.16 -9.07
CA LYS A 23 13.37 20.63 -8.31
C LYS A 23 14.06 19.43 -7.65
N LEU A 24 14.04 18.30 -8.36
CA LEU A 24 14.76 17.10 -7.91
C LEU A 24 16.22 17.04 -8.36
N GLU A 25 17.09 16.55 -7.47
CA GLU A 25 18.53 16.41 -7.81
C GLU A 25 18.90 15.07 -8.48
N TYR A 26 17.89 14.25 -8.75
CA TYR A 26 18.11 12.95 -9.38
C TYR A 26 16.99 12.73 -10.42
N ASP A 27 17.20 11.77 -11.30
CA ASP A 27 16.26 11.48 -12.35
C ASP A 27 15.71 10.05 -12.27
N GLY A 28 15.10 9.59 -13.36
CA GLY A 28 14.82 8.18 -13.49
C GLY A 28 13.69 7.68 -12.62
N VAL A 29 13.72 6.38 -12.26
CA VAL A 29 12.54 5.82 -11.64
C VAL A 29 12.29 6.48 -10.30
N ARG A 30 13.39 6.76 -9.57
CA ARG A 30 13.19 7.38 -8.26
C ARG A 30 12.46 8.77 -8.42
N ALA A 31 12.77 9.50 -9.47
CA ALA A 31 12.12 10.78 -9.71
C ALA A 31 10.61 10.59 -9.99
N SER A 32 10.29 9.60 -10.83
CA SER A 32 8.89 9.22 -11.05
C SER A 32 8.17 8.87 -9.77
N HIS A 33 8.79 7.99 -8.92
CA HIS A 33 8.24 7.68 -7.62
C HIS A 33 7.94 8.96 -6.80
N THR A 34 8.90 9.86 -6.77
CA THR A 34 8.77 11.08 -5.96
C THR A 34 7.64 11.95 -6.50
N MET A 35 7.62 12.11 -7.82
CA MET A 35 6.50 12.94 -8.43
C MET A 35 5.14 12.31 -8.22
N ALA A 36 5.08 10.96 -8.28
CA ALA A 36 3.84 10.26 -7.98
C ALA A 36 3.43 10.46 -6.52
N GLN A 37 4.41 10.30 -5.63
CA GLN A 37 4.16 10.53 -4.20
C GLN A 37 3.67 11.96 -3.95
N THR A 38 4.26 12.92 -4.63
CA THR A 38 3.84 14.35 -4.51
C THR A 38 2.35 14.51 -4.83
N ASP A 39 1.87 13.77 -5.84
CA ASP A 39 0.47 13.93 -6.26
C ASP A 39 -0.51 12.99 -5.55
N ALA A 40 -0.05 12.18 -4.58
CA ALA A 40 -0.85 11.08 -4.11
C ALA A 40 -1.97 11.66 -3.23
N GLY A 41 -1.67 12.75 -2.54
CA GLY A 41 -2.66 13.37 -1.64
C GLY A 41 -3.85 13.90 -2.44
N ARG A 42 -3.52 14.64 -3.52
CA ARG A 42 -4.55 15.21 -4.42
C ARG A 42 -5.32 14.07 -5.09
N MET A 43 -4.60 13.01 -5.35
CA MET A 43 -5.18 11.84 -6.04
C MET A 43 -6.33 11.22 -5.24
N GLU A 44 -6.29 11.32 -3.91
CA GLU A 44 -7.34 10.74 -3.05
C GLU A 44 -8.74 11.26 -3.37
N LYS A 45 -8.83 12.56 -3.66
CA LYS A 45 -10.08 13.23 -4.05
C LYS A 45 -10.86 12.49 -5.18
N TYR A 46 -10.11 11.86 -6.09
CA TYR A 46 -10.68 11.24 -7.28
C TYR A 46 -10.78 9.73 -7.22
N LYS A 47 -10.55 9.18 -6.03
CA LYS A 47 -10.60 7.75 -5.80
C LYS A 47 -11.86 7.06 -6.26
N SER A 48 -13.05 7.55 -5.89
CA SER A 48 -14.28 6.88 -6.30
C SER A 48 -14.27 6.81 -7.84
N PHE A 49 -13.95 7.94 -8.46
CA PHE A 49 -13.99 8.02 -9.96
C PHE A 49 -12.95 7.10 -10.59
N ILE A 50 -11.72 7.08 -10.08
CA ILE A 50 -10.65 6.29 -10.68
C ILE A 50 -11.05 4.83 -10.53
N ASN A 51 -11.56 4.48 -9.35
CA ASN A 51 -12.03 3.09 -9.14
C ASN A 51 -13.15 2.65 -10.07
N ASN A 52 -14.17 3.49 -10.19
CA ASN A 52 -15.24 3.21 -11.10
C ASN A 52 -14.81 2.99 -12.54
N VAL A 53 -13.97 3.88 -13.02
CA VAL A 53 -13.53 3.82 -14.40
C VAL A 53 -12.60 2.65 -14.67
N ALA A 54 -11.71 2.38 -13.72
CA ALA A 54 -10.81 1.24 -13.84
C ALA A 54 -11.67 -0.06 -13.91
N LYS A 55 -12.74 -0.13 -13.13
CA LYS A 55 -13.61 -1.31 -13.17
C LYS A 55 -14.29 -1.45 -14.55
N LYS A 56 -14.67 -0.31 -15.13
CA LYS A 56 -15.47 -0.28 -16.36
C LYS A 56 -14.60 -0.71 -17.53
N HIS A 57 -13.37 -0.18 -17.59
CA HIS A 57 -12.39 -0.47 -18.69
C HIS A 57 -11.45 -1.62 -18.43
N VAL A 58 -11.45 -2.14 -17.20
CA VAL A 58 -10.50 -3.18 -16.83
C VAL A 58 -9.06 -2.74 -17.01
N VAL A 59 -8.79 -1.57 -16.44
CA VAL A 59 -7.48 -0.96 -16.50
C VAL A 59 -7.08 -0.76 -15.07
N ASP A 60 -5.83 -1.01 -14.74
CA ASP A 60 -5.40 -0.88 -13.34
C ASP A 60 -5.60 0.57 -12.84
N PRO A 61 -6.21 0.79 -11.66
CA PRO A 61 -6.36 2.16 -11.24
C PRO A 61 -5.04 2.90 -11.08
N ALA A 62 -3.93 2.16 -10.88
CA ALA A 62 -2.60 2.78 -10.77
C ALA A 62 -2.14 3.39 -12.08
N VAL A 63 -2.60 2.81 -13.18
CA VAL A 63 -2.28 3.34 -14.50
C VAL A 63 -3.05 4.64 -14.74
N ILE A 64 -4.32 4.67 -14.38
CA ILE A 64 -5.13 5.89 -14.44
C ILE A 64 -4.50 6.97 -13.58
N ALA A 65 -4.18 6.58 -12.35
CA ALA A 65 -3.64 7.55 -11.43
C ALA A 65 -2.31 8.14 -11.99
N ALA A 66 -1.43 7.29 -12.55
CA ALA A 66 -0.15 7.70 -13.12
C ALA A 66 -0.31 8.73 -14.29
N ILE A 67 -1.29 8.46 -15.11
CA ILE A 67 -1.64 9.42 -16.17
C ILE A 67 -2.19 10.76 -15.58
N ILE A 68 -3.05 10.69 -14.56
CA ILE A 68 -3.52 11.94 -13.90
C ILE A 68 -2.32 12.74 -13.36
N SER A 69 -1.35 12.03 -12.78
CA SER A 69 -0.17 12.66 -12.18
C SER A 69 0.69 13.31 -13.26
N ARG A 70 0.99 12.56 -14.29
CA ARG A 70 1.84 13.07 -15.32
C ARG A 70 1.12 14.22 -16.07
N GLU A 71 -0.17 14.07 -16.36
CA GLU A 71 -0.88 15.01 -17.25
C GLU A 71 -1.13 16.37 -16.58
N SER A 72 -1.52 16.39 -15.29
CA SER A 72 -1.91 17.65 -14.69
C SER A 72 -1.49 17.74 -13.22
N ARG A 73 -0.67 16.79 -12.75
CA ARG A 73 -0.29 16.74 -11.33
C ARG A 73 -1.54 16.64 -10.49
N ALA A 74 -2.47 15.75 -10.88
CA ALA A 74 -3.78 15.68 -10.17
C ALA A 74 -4.42 17.04 -9.93
N GLY A 75 -4.45 17.85 -10.98
CA GLY A 75 -5.15 19.13 -10.98
C GLY A 75 -4.31 20.35 -10.53
N ASN A 76 -3.15 20.10 -9.91
CA ASN A 76 -2.29 21.18 -9.43
C ASN A 76 -1.91 22.30 -10.41
N VAL A 77 -1.66 21.96 -11.69
CA VAL A 77 -1.29 22.91 -12.69
C VAL A 77 -2.42 23.33 -13.63
N ILE A 78 -3.65 22.89 -13.36
CA ILE A 78 -4.79 23.27 -14.22
C ILE A 78 -6.03 23.80 -13.50
N PHE A 79 -6.01 23.80 -12.18
CA PHE A 79 -7.23 24.17 -11.45
C PHE A 79 -7.50 25.69 -11.66
N ASN A 80 -6.49 26.41 -12.09
CA ASN A 80 -6.54 27.92 -12.10
C ASN A 80 -6.24 28.56 -13.47
N THR A 81 -6.45 27.81 -14.54
CA THR A 81 -6.39 28.42 -15.86
C THR A 81 -7.76 29.09 -16.16
N THR A 82 -7.91 29.89 -17.22
CA THR A 82 -9.30 30.23 -17.55
C THR A 82 -9.76 29.82 -18.94
N PRO A 83 -10.89 29.12 -18.97
CA PRO A 83 -11.40 28.72 -17.65
C PRO A 83 -10.63 27.49 -17.09
N PRO A 84 -10.96 27.03 -15.89
CA PRO A 84 -10.23 25.89 -15.30
C PRO A 84 -10.16 24.62 -16.13
N GLY A 85 -9.01 23.95 -16.03
CA GLY A 85 -8.92 22.55 -16.46
C GLY A 85 -8.13 22.41 -17.73
N TRP A 86 -7.52 23.49 -18.19
CA TRP A 86 -6.84 23.51 -19.53
C TRP A 86 -5.30 23.38 -19.52
N GLY A 87 -4.73 22.76 -20.57
CA GLY A 87 -3.28 22.71 -20.76
C GLY A 87 -2.88 22.64 -22.23
N ASP A 88 -1.59 22.45 -22.50
CA ASP A 88 -1.11 22.18 -23.84
C ASP A 88 -1.74 23.12 -24.91
N ASN A 89 -1.78 24.40 -24.56
CA ASN A 89 -2.32 25.56 -25.32
C ASN A 89 -3.21 25.61 -26.60
N TYR A 90 -4.51 25.72 -26.50
CA TYR A 90 -5.29 25.50 -25.32
C TYR A 90 -5.97 24.19 -25.65
N ASN A 91 -5.15 23.14 -25.84
CA ASN A 91 -5.64 21.95 -26.48
C ASN A 91 -5.94 20.81 -25.53
N GLY A 92 -5.30 20.77 -24.36
CA GLY A 92 -5.48 19.64 -23.42
C GLY A 92 -6.51 19.96 -22.33
N PHE A 93 -7.52 19.12 -22.18
CA PHE A 93 -8.62 19.38 -21.19
C PHE A 93 -8.66 18.32 -20.10
N GLY A 94 -8.72 18.80 -18.84
CA GLY A 94 -9.03 17.94 -17.74
C GLY A 94 -7.81 17.31 -17.03
N LEU A 95 -8.13 16.55 -15.98
CA LEU A 95 -7.12 15.82 -15.17
C LEU A 95 -6.16 14.98 -16.04
N MET A 96 -6.72 14.28 -17.02
CA MET A 96 -5.93 13.44 -17.95
C MET A 96 -5.61 14.08 -19.31
N GLN A 97 -5.94 15.37 -19.46
CA GLN A 97 -5.52 16.13 -20.66
C GLN A 97 -5.96 15.48 -21.98
N VAL A 98 -7.28 15.23 -22.12
CA VAL A 98 -7.85 14.81 -23.42
C VAL A 98 -7.58 15.91 -24.41
N ASP A 99 -7.01 15.61 -25.59
CA ASP A 99 -6.69 16.62 -26.58
C ASP A 99 -7.90 16.96 -27.46
N LYS A 100 -8.43 18.19 -27.31
CA LYS A 100 -9.67 18.55 -28.01
C LYS A 100 -9.59 18.37 -29.50
N ARG A 101 -8.41 18.46 -30.07
CA ARG A 101 -8.34 18.34 -31.53
C ARG A 101 -8.77 16.98 -32.02
N TYR A 102 -8.61 15.97 -31.19
CA TYR A 102 -8.95 14.61 -31.62
C TYR A 102 -10.26 14.01 -31.02
N HIS A 103 -10.68 14.56 -29.86
CA HIS A 103 -11.85 14.11 -29.14
C HIS A 103 -12.59 15.31 -28.62
N GLU A 104 -13.93 15.32 -28.68
CA GLU A 104 -14.66 16.43 -28.04
C GLU A 104 -14.54 16.28 -26.49
N PRO A 105 -14.05 17.30 -25.76
CA PRO A 105 -13.84 16.95 -24.37
C PRO A 105 -15.11 16.97 -23.55
N ARG A 106 -15.45 15.83 -22.99
CA ARG A 106 -16.65 15.65 -22.23
C ARG A 106 -16.45 15.73 -20.72
N GLY A 107 -17.51 16.16 -20.06
CA GLY A 107 -17.53 16.26 -18.60
C GLY A 107 -16.85 17.54 -18.06
N ALA A 108 -17.07 17.75 -16.76
CA ALA A 108 -16.29 18.76 -16.03
C ALA A 108 -14.79 18.36 -16.01
N TRP A 109 -13.87 19.32 -15.82
CA TRP A 109 -12.43 19.03 -15.96
C TRP A 109 -11.93 17.97 -14.97
N ASN A 110 -12.66 17.81 -13.88
CA ASN A 110 -12.30 16.98 -12.78
C ASN A 110 -13.39 15.93 -12.52
N SER A 111 -14.07 15.50 -13.59
CA SER A 111 -15.27 14.66 -13.46
C SER A 111 -15.03 13.15 -13.77
N GLU A 112 -15.92 12.30 -13.27
CA GLU A 112 -15.87 10.87 -13.62
C GLU A 112 -15.99 10.75 -15.15
N GLU A 113 -16.88 11.55 -15.74
CA GLU A 113 -17.14 11.52 -17.20
C GLU A 113 -15.83 11.76 -17.95
N HIS A 114 -15.09 12.79 -17.51
CA HIS A 114 -13.75 13.07 -18.10
C HIS A 114 -12.78 11.86 -17.96
N ILE A 115 -12.58 11.38 -16.77
CA ILE A 115 -11.74 10.15 -16.55
C ILE A 115 -12.15 8.93 -17.37
N ASP A 116 -13.46 8.75 -17.55
CA ASP A 116 -14.02 7.66 -18.34
C ASP A 116 -13.53 7.84 -19.80
N GLN A 117 -13.74 9.02 -20.32
CA GLN A 117 -13.33 9.33 -21.68
C GLN A 117 -11.86 9.04 -21.89
N ALA A 118 -11.02 9.62 -21.01
CA ALA A 118 -9.61 9.57 -21.22
C ALA A 118 -9.11 8.15 -21.08
N THR A 119 -9.66 7.41 -20.15
CA THR A 119 -9.30 6.00 -19.98
C THR A 119 -9.77 5.20 -21.19
N GLY A 120 -10.94 5.53 -21.77
CA GLY A 120 -11.36 4.89 -23.02
C GLY A 120 -10.43 5.15 -24.18
N ILE A 121 -9.91 6.38 -24.24
CA ILE A 121 -8.86 6.70 -25.23
C ILE A 121 -7.65 5.80 -25.09
N LEU A 122 -7.22 5.58 -23.86
CA LEU A 122 -6.04 4.72 -23.62
C LEU A 122 -6.36 3.32 -24.11
N VAL A 123 -7.55 2.83 -23.80
CA VAL A 123 -7.92 1.47 -24.23
C VAL A 123 -7.90 1.39 -25.75
N ASN A 124 -8.38 2.43 -26.43
CA ASN A 124 -8.35 2.40 -27.88
C ASN A 124 -6.88 2.30 -28.34
N PHE A 125 -5.97 3.01 -27.68
CA PHE A 125 -4.53 2.91 -28.07
C PHE A 125 -3.91 1.53 -27.78
N ILE A 126 -4.39 0.86 -26.76
CA ILE A 126 -3.93 -0.49 -26.42
C ILE A 126 -4.38 -1.36 -27.61
N GLN A 127 -5.63 -1.22 -28.01
CA GLN A 127 -6.12 -2.01 -29.15
C GLN A 127 -5.31 -1.75 -30.45
N LEU A 128 -4.95 -0.48 -30.71
CA LEU A 128 -4.23 -0.05 -31.90
C LEU A 128 -2.78 -0.59 -31.88
N ILE A 129 -2.14 -0.50 -30.73
CA ILE A 129 -0.77 -1.00 -30.60
C ILE A 129 -0.66 -2.55 -30.65
N GLN A 130 -1.64 -3.25 -30.07
CA GLN A 130 -1.76 -4.73 -30.26
C GLN A 130 -1.93 -5.13 -31.72
N LYS A 131 -2.66 -4.33 -32.50
CA LYS A 131 -2.78 -4.66 -33.93
C LYS A 131 -1.51 -4.30 -34.70
N LYS A 132 -0.82 -3.25 -34.26
CA LYS A 132 0.36 -2.75 -34.97
C LYS A 132 1.56 -3.63 -34.72
N PHE A 133 1.72 -4.09 -33.48
CA PHE A 133 2.87 -4.93 -33.12
C PHE A 133 2.35 -6.18 -32.40
N PRO A 134 1.68 -7.09 -33.11
CA PRO A 134 0.98 -8.16 -32.37
C PRO A 134 1.92 -9.18 -31.68
N SER A 135 3.18 -9.18 -32.09
CA SER A 135 4.20 -10.02 -31.49
C SER A 135 5.12 -9.35 -30.45
N TRP A 136 5.01 -8.03 -30.28
CA TRP A 136 5.59 -7.46 -29.11
C TRP A 136 4.85 -8.20 -28.02
N SER A 137 5.49 -8.31 -26.87
CA SER A 137 4.91 -8.81 -25.66
C SER A 137 3.78 -7.87 -25.20
N THR A 138 2.89 -8.34 -24.33
CA THR A 138 1.73 -7.53 -23.97
C THR A 138 2.19 -6.31 -23.12
N GLU A 139 3.33 -6.50 -22.48
CA GLU A 139 3.96 -5.42 -21.71
C GLU A 139 4.59 -4.40 -22.59
N GLN A 140 5.30 -4.83 -23.62
CA GLN A 140 5.75 -3.88 -24.56
C GLN A 140 4.53 -3.15 -25.14
N GLN A 141 3.48 -3.91 -25.49
CA GLN A 141 2.28 -3.26 -26.09
C GLN A 141 1.68 -2.17 -25.19
N LEU A 142 1.58 -2.45 -23.89
CA LEU A 142 0.95 -1.52 -22.91
C LEU A 142 1.83 -0.27 -22.82
N LYS A 143 3.13 -0.46 -22.78
CA LYS A 143 4.01 0.73 -22.76
C LYS A 143 3.87 1.57 -24.05
N GLY A 144 3.84 0.91 -25.23
CA GLY A 144 3.54 1.60 -26.51
C GLY A 144 2.20 2.35 -26.51
N ALA A 145 1.17 1.77 -25.90
CA ALA A 145 -0.16 2.36 -25.81
C ALA A 145 -0.05 3.63 -24.97
N ILE A 146 0.68 3.56 -23.87
CA ILE A 146 0.83 4.73 -23.01
C ILE A 146 1.58 5.84 -23.75
N ALA A 147 2.65 5.46 -24.48
CA ALA A 147 3.36 6.37 -25.33
C ALA A 147 2.41 7.01 -26.40
N ALA A 148 1.60 6.19 -27.04
CA ALA A 148 0.61 6.67 -27.99
C ALA A 148 -0.41 7.67 -27.39
N TYR A 149 -0.72 7.47 -26.12
CA TYR A 149 -1.66 8.37 -25.41
C TYR A 149 -1.09 9.80 -25.51
N ASN A 150 0.25 9.92 -25.49
CA ASN A 150 0.88 11.24 -25.68
C ASN A 150 1.21 11.66 -27.11
N THR A 151 1.66 10.71 -27.92
CA THR A 151 2.23 11.09 -29.21
C THR A 151 1.49 10.54 -30.46
N GLY A 152 0.53 9.66 -30.26
CA GLY A 152 -0.16 9.03 -31.38
C GLY A 152 0.52 7.68 -31.64
N ASP A 153 -0.26 6.69 -32.04
CA ASP A 153 0.24 5.37 -32.37
C ASP A 153 1.13 5.46 -33.61
N GLY A 154 0.93 6.51 -34.40
CA GLY A 154 1.75 6.71 -35.60
C GLY A 154 3.20 7.05 -35.29
N ARG A 155 3.47 7.70 -34.14
CA ARG A 155 4.85 7.98 -33.71
C ARG A 155 5.47 7.00 -32.69
N VAL A 156 4.91 5.80 -32.63
CA VAL A 156 5.49 4.72 -31.85
C VAL A 156 5.96 3.75 -32.92
N GLU A 157 7.27 3.77 -33.16
CA GLU A 157 7.83 3.02 -34.27
C GLU A 157 8.52 1.74 -33.85
N SER A 158 9.13 1.77 -32.67
CA SER A 158 9.83 0.61 -32.14
C SER A 158 9.75 0.58 -30.61
N TYR A 159 10.07 -0.55 -30.00
CA TYR A 159 9.94 -0.63 -28.56
C TYR A 159 11.09 0.13 -27.85
N GLU A 160 12.31 0.00 -28.37
CA GLU A 160 13.47 0.68 -27.80
C GLU A 160 13.35 2.21 -27.86
N SER A 161 12.70 2.70 -28.90
CA SER A 161 12.54 4.15 -29.11
C SER A 161 11.11 4.59 -28.77
N VAL A 162 10.43 3.80 -27.93
CA VAL A 162 9.01 4.01 -27.68
C VAL A 162 8.73 5.47 -27.28
N ASP A 163 9.64 6.09 -26.49
CA ASP A 163 9.38 7.47 -25.99
C ASP A 163 10.06 8.59 -26.81
N SER A 164 10.76 8.21 -27.89
CA SER A 164 11.60 9.17 -28.59
C SER A 164 10.86 10.38 -29.15
N ARG A 165 9.60 10.16 -29.54
CA ARG A 165 8.71 11.18 -30.08
C ARG A 165 7.68 11.72 -29.04
N THR A 166 7.84 11.35 -27.77
CA THR A 166 6.98 11.89 -26.67
C THR A 166 7.52 13.16 -25.98
N THR A 167 6.61 13.87 -25.32
CA THR A 167 6.97 14.99 -24.52
C THR A 167 8.03 14.56 -23.52
N GLY A 168 9.14 15.32 -23.46
CA GLY A 168 10.24 15.02 -22.53
C GLY A 168 11.06 13.77 -22.85
N LYS A 169 10.72 13.16 -23.98
CA LYS A 169 11.29 11.91 -24.47
C LYS A 169 11.23 10.83 -23.43
N ASP A 170 10.22 10.90 -22.56
CA ASP A 170 10.21 10.01 -21.44
C ASP A 170 8.77 9.68 -21.02
N TYR A 171 7.76 9.92 -21.85
CA TYR A 171 6.37 9.90 -21.31
C TYR A 171 5.91 8.54 -20.76
N SER A 172 5.97 7.49 -21.55
CA SER A 172 5.62 6.16 -21.11
C SER A 172 6.63 5.65 -20.01
N ASN A 173 7.95 5.90 -20.16
CA ASN A 173 8.88 5.59 -19.07
C ASN A 173 8.48 6.17 -17.73
N ASP A 174 8.19 7.46 -17.72
CA ASP A 174 7.72 8.09 -16.48
C ASP A 174 6.36 7.57 -15.99
N VAL A 175 5.39 7.53 -16.88
CA VAL A 175 4.03 7.12 -16.47
C VAL A 175 4.05 5.68 -15.90
N VAL A 176 4.79 4.82 -16.54
CA VAL A 176 4.95 3.42 -16.04
C VAL A 176 5.52 3.36 -14.62
N ALA A 177 6.57 4.19 -14.37
CA ALA A 177 7.23 4.22 -13.04
C ALA A 177 6.27 4.78 -12.01
N ARG A 178 5.58 5.89 -12.38
CA ARG A 178 4.60 6.42 -11.42
C ARG A 178 3.54 5.35 -11.13
N ALA A 179 3.06 4.65 -12.16
CA ALA A 179 2.00 3.61 -11.97
C ALA A 179 2.47 2.49 -11.00
N GLN A 180 3.73 2.11 -11.17
CA GLN A 180 4.41 1.10 -10.33
C GLN A 180 4.45 1.58 -8.89
N TRP A 181 4.69 2.88 -8.67
CA TRP A 181 4.62 3.46 -7.32
C TRP A 181 3.23 3.42 -6.74
N TYR A 182 2.24 3.78 -7.58
CA TYR A 182 0.92 3.83 -7.03
C TYR A 182 0.43 2.42 -6.73
N LYS A 183 0.85 1.46 -7.55
CA LYS A 183 0.47 0.00 -7.37
C LYS A 183 0.97 -0.51 -6.01
N LYS A 184 2.26 -0.28 -5.80
CA LYS A 184 2.97 -0.67 -4.59
C LYS A 184 2.46 0.04 -3.35
N ASN A 185 2.31 1.37 -3.43
CA ASN A 185 2.01 2.17 -2.23
C ASN A 185 0.55 2.54 -2.02
N GLY A 186 -0.26 2.58 -3.06
CA GLY A 186 -1.68 2.93 -2.86
C GLY A 186 -1.83 4.45 -2.81
N PHE A 187 -3.07 4.93 -2.85
CA PHE A 187 -3.31 6.35 -2.57
C PHE A 187 -4.72 6.40 -1.98
N ASP B 5 31.14 -28.60 -9.05
CA ASP B 5 30.11 -29.01 -10.07
C ASP B 5 28.69 -28.88 -9.52
N ILE B 6 27.96 -27.83 -9.94
CA ILE B 6 26.59 -27.57 -9.41
C ILE B 6 25.57 -28.72 -9.55
N THR B 7 25.65 -29.46 -10.64
CA THR B 7 24.83 -30.65 -10.96
C THR B 7 25.01 -31.84 -9.97
N GLN B 8 26.09 -31.83 -9.19
CA GLN B 8 26.38 -32.92 -8.20
C GLN B 8 26.27 -32.49 -6.71
N VAL B 9 25.75 -31.30 -6.48
CA VAL B 9 25.45 -30.89 -5.12
C VAL B 9 24.10 -31.44 -4.75
N GLU B 10 23.99 -32.05 -3.57
CA GLU B 10 22.71 -32.62 -3.13
C GLU B 10 21.81 -31.49 -2.73
N THR B 11 20.54 -31.57 -3.14
CA THR B 11 19.61 -30.58 -2.68
C THR B 11 18.21 -31.13 -2.36
N SER B 12 17.58 -30.61 -1.27
CA SER B 12 16.22 -30.88 -0.93
C SER B 12 15.26 -29.75 -1.37
N GLY B 13 15.80 -28.78 -2.12
CA GLY B 13 15.01 -27.65 -2.65
C GLY B 13 14.38 -26.81 -1.55
N ALA B 14 13.20 -26.26 -1.83
CA ALA B 14 12.64 -25.19 -0.95
C ALA B 14 11.85 -25.74 0.23
N SER B 15 11.76 -24.97 1.33
CA SER B 15 10.89 -25.27 2.48
C SER B 15 9.49 -24.85 2.10
N SER B 16 8.48 -25.40 2.77
CA SER B 16 7.10 -24.97 2.55
C SER B 16 6.91 -23.47 2.91
N LYS B 17 7.68 -22.93 3.88
CA LYS B 17 7.66 -21.48 4.08
C LYS B 17 8.08 -20.68 2.82
N THR B 18 9.20 -21.09 2.23
CA THR B 18 9.75 -20.33 1.11
C THR B 18 8.83 -20.43 -0.10
N SER B 19 8.29 -21.63 -0.30
CA SER B 19 7.44 -21.93 -1.50
C SER B 19 6.18 -21.05 -1.50
N ARG B 20 5.74 -20.66 -0.30
CA ARG B 20 4.53 -19.79 -0.20
C ARG B 20 4.79 -18.38 -0.73
N GLN B 21 6.04 -18.05 -1.08
CA GLN B 21 6.25 -16.76 -1.66
C GLN B 21 5.36 -16.68 -2.91
N ASP B 22 5.27 -17.79 -3.63
CA ASP B 22 4.51 -17.82 -4.85
C ASP B 22 3.17 -18.51 -4.63
N LYS B 23 2.76 -18.57 -3.37
CA LYS B 23 1.53 -19.26 -3.05
C LYS B 23 1.52 -20.75 -3.45
N LEU B 24 2.69 -21.39 -3.53
CA LEU B 24 2.78 -22.80 -3.96
C LEU B 24 2.31 -23.73 -2.84
N GLU B 25 1.50 -24.74 -3.17
CA GLU B 25 1.02 -25.65 -2.13
C GLU B 25 1.86 -26.95 -2.09
N TYR B 26 3.12 -26.83 -2.49
CA TYR B 26 4.04 -27.93 -2.49
C TYR B 26 5.40 -27.31 -2.23
N ASP B 27 6.36 -28.15 -1.84
CA ASP B 27 7.74 -27.65 -1.55
C ASP B 27 8.82 -28.41 -2.33
N GLY B 28 10.03 -28.42 -1.77
CA GLY B 28 11.13 -29.21 -2.35
C GLY B 28 11.64 -28.77 -3.71
N VAL B 29 12.25 -29.71 -4.42
CA VAL B 29 12.89 -29.36 -5.71
C VAL B 29 11.82 -28.86 -6.69
N ARG B 30 10.63 -29.43 -6.62
CA ARG B 30 9.52 -29.08 -7.51
C ARG B 30 9.22 -27.58 -7.33
N ALA B 31 9.08 -27.15 -6.07
CA ALA B 31 8.91 -25.75 -5.70
C ALA B 31 10.05 -24.88 -6.16
N SER B 32 11.32 -25.29 -5.95
CA SER B 32 12.48 -24.52 -6.45
C SER B 32 12.46 -24.30 -7.96
N HIS B 33 12.20 -25.37 -8.69
CA HIS B 33 12.08 -25.29 -10.13
C HIS B 33 10.94 -24.35 -10.60
N THR B 34 9.79 -24.36 -9.95
CA THR B 34 8.70 -23.47 -10.37
C THR B 34 9.15 -22.00 -10.11
N MET B 35 9.84 -21.77 -9.01
CA MET B 35 10.17 -20.34 -8.68
C MET B 35 11.26 -19.83 -9.62
N ALA B 36 12.18 -20.72 -9.96
CA ALA B 36 13.16 -20.46 -10.95
C ALA B 36 12.51 -20.11 -12.31
N GLN B 37 11.60 -20.97 -12.75
CA GLN B 37 10.93 -20.75 -14.01
C GLN B 37 10.17 -19.42 -14.02
N THR B 38 9.47 -19.16 -12.91
CA THR B 38 8.75 -17.91 -12.68
C THR B 38 9.64 -16.71 -12.97
N ASP B 39 10.95 -16.80 -12.65
CA ASP B 39 11.87 -15.66 -12.75
C ASP B 39 12.60 -15.61 -14.08
N ALA B 40 12.34 -16.63 -14.90
CA ALA B 40 13.15 -16.85 -16.11
C ALA B 40 13.09 -15.75 -17.18
N GLY B 41 11.89 -15.15 -17.33
CA GLY B 41 11.70 -14.09 -18.30
C GLY B 41 12.43 -12.87 -17.81
N ARG B 42 12.23 -12.50 -16.54
CA ARG B 42 13.03 -11.41 -15.97
C ARG B 42 14.51 -11.67 -16.07
N MET B 43 14.94 -12.92 -15.87
CA MET B 43 16.37 -13.22 -15.89
C MET B 43 17.07 -12.92 -17.23
N GLU B 44 16.34 -13.04 -18.34
CA GLU B 44 16.96 -12.91 -19.66
C GLU B 44 17.75 -11.61 -19.86
N LYS B 45 17.18 -10.54 -19.28
CA LYS B 45 17.68 -9.18 -19.37
C LYS B 45 19.09 -9.07 -18.81
N TYR B 46 19.39 -9.98 -17.89
CA TYR B 46 20.70 -9.93 -17.21
C TYR B 46 21.68 -10.95 -17.70
N LYS B 47 21.34 -11.66 -18.77
CA LYS B 47 22.06 -12.86 -19.13
C LYS B 47 23.51 -12.63 -19.48
N SER B 48 23.77 -11.59 -20.29
CA SER B 48 25.11 -11.21 -20.65
C SER B 48 25.93 -10.80 -19.43
N PHE B 49 25.38 -9.96 -18.56
CA PHE B 49 26.08 -9.58 -17.30
C PHE B 49 26.43 -10.79 -16.46
N ILE B 50 25.43 -11.63 -16.19
CA ILE B 50 25.59 -12.84 -15.40
C ILE B 50 26.73 -13.69 -15.96
N ASN B 51 26.72 -13.92 -17.28
CA ASN B 51 27.86 -14.64 -17.94
C ASN B 51 29.25 -13.96 -17.84
N ASN B 52 29.32 -12.64 -18.09
CA ASN B 52 30.53 -11.89 -17.91
C ASN B 52 31.08 -12.07 -16.50
N VAL B 53 30.24 -11.78 -15.50
CA VAL B 53 30.66 -11.83 -14.09
C VAL B 53 31.07 -13.28 -13.67
N ALA B 54 30.32 -14.25 -14.16
CA ALA B 54 30.57 -15.68 -13.85
C ALA B 54 32.01 -15.95 -14.30
N LYS B 55 32.34 -15.65 -15.56
CA LYS B 55 33.71 -15.89 -16.07
C LYS B 55 34.77 -15.17 -15.26
N LYS B 56 34.56 -13.91 -14.95
CA LYS B 56 35.47 -13.15 -14.09
C LYS B 56 35.83 -13.84 -12.78
N HIS B 57 34.81 -14.48 -12.17
CA HIS B 57 34.94 -15.01 -10.82
C HIS B 57 35.09 -16.53 -10.72
N VAL B 58 35.00 -17.24 -11.84
CA VAL B 58 34.97 -18.70 -11.82
C VAL B 58 33.85 -19.22 -10.94
N VAL B 59 32.66 -18.67 -11.19
CA VAL B 59 31.41 -19.09 -10.55
C VAL B 59 30.53 -19.53 -11.71
N ASP B 60 29.76 -20.59 -11.52
CA ASP B 60 28.89 -21.06 -12.61
C ASP B 60 27.76 -20.02 -12.78
N PRO B 61 27.50 -19.60 -14.04
CA PRO B 61 26.45 -18.64 -14.36
C PRO B 61 25.12 -19.03 -13.77
N ALA B 62 24.82 -20.32 -13.72
CA ALA B 62 23.54 -20.78 -13.25
C ALA B 62 23.41 -20.49 -11.72
N VAL B 63 24.54 -20.54 -11.01
CA VAL B 63 24.50 -20.18 -9.57
C VAL B 63 24.16 -18.70 -9.32
N ILE B 64 24.82 -17.84 -10.08
CA ILE B 64 24.52 -16.38 -10.05
C ILE B 64 23.05 -16.20 -10.37
N ALA B 65 22.58 -16.84 -11.45
CA ALA B 65 21.17 -16.73 -11.78
C ALA B 65 20.29 -17.19 -10.61
N ALA B 66 20.63 -18.31 -10.02
CA ALA B 66 19.83 -18.85 -8.92
C ALA B 66 19.81 -17.88 -7.72
N ILE B 67 20.96 -17.26 -7.45
CA ILE B 67 21.03 -16.29 -6.36
C ILE B 67 20.10 -15.07 -6.62
N ILE B 68 20.16 -14.56 -7.84
CA ILE B 68 19.31 -13.45 -8.25
C ILE B 68 17.82 -13.82 -8.15
N SER B 69 17.47 -15.05 -8.59
CA SER B 69 16.11 -15.54 -8.40
C SER B 69 15.68 -15.58 -6.89
N ARG B 70 16.48 -16.18 -6.03
CA ARG B 70 16.11 -16.29 -4.62
C ARG B 70 16.06 -14.95 -3.88
N GLU B 71 17.05 -14.11 -4.17
CA GLU B 71 17.30 -12.86 -3.41
C GLU B 71 16.24 -11.81 -3.81
N SER B 72 15.97 -11.69 -5.13
CA SER B 72 15.18 -10.55 -5.64
C SER B 72 14.06 -10.94 -6.62
N ARG B 73 13.94 -12.23 -6.94
CA ARG B 73 13.04 -12.68 -8.02
C ARG B 73 13.41 -11.96 -9.27
N ALA B 74 14.72 -11.88 -9.54
CA ALA B 74 15.24 -11.23 -10.71
C ALA B 74 14.61 -9.81 -10.83
N GLY B 75 14.57 -9.12 -9.71
CA GLY B 75 14.12 -7.70 -9.72
C GLY B 75 12.69 -7.52 -9.24
N ASN B 76 11.88 -8.60 -9.20
CA ASN B 76 10.40 -8.39 -9.06
C ASN B 76 9.93 -7.91 -7.70
N VAL B 77 10.73 -8.11 -6.67
CA VAL B 77 10.35 -7.66 -5.34
C VAL B 77 11.15 -6.41 -4.93
N ILE B 78 12.02 -5.95 -5.80
CA ILE B 78 12.83 -4.70 -5.60
C ILE B 78 12.72 -3.53 -6.62
N PHE B 79 12.08 -3.74 -7.78
CA PHE B 79 12.09 -2.72 -8.83
C PHE B 79 11.24 -1.52 -8.35
N ASN B 80 10.36 -1.75 -7.38
CA ASN B 80 9.28 -0.76 -6.99
C ASN B 80 9.39 -0.29 -5.55
N THR B 81 10.55 -0.56 -4.99
CA THR B 81 10.94 0.10 -3.72
C THR B 81 11.33 1.56 -4.05
N THR B 82 11.32 2.40 -3.02
CA THR B 82 11.81 3.75 -3.14
C THR B 82 12.90 4.04 -2.11
N PRO B 83 14.14 4.23 -2.55
CA PRO B 83 14.60 4.15 -3.92
C PRO B 83 14.57 2.71 -4.37
N PRO B 84 14.56 2.47 -5.69
CA PRO B 84 14.46 1.09 -6.20
C PRO B 84 15.69 0.25 -5.86
N GLY B 85 15.46 -1.03 -5.61
CA GLY B 85 16.61 -1.93 -5.47
C GLY B 85 16.77 -2.50 -4.09
N TRP B 86 15.95 -2.03 -3.16
CA TRP B 86 16.20 -2.36 -1.74
C TRP B 86 15.30 -3.51 -1.22
N GLY B 87 15.80 -4.28 -0.25
CA GLY B 87 15.07 -5.39 0.34
C GLY B 87 15.67 -5.69 1.72
N ASP B 88 15.15 -6.73 2.37
CA ASP B 88 15.43 -7.03 3.77
C ASP B 88 15.40 -5.78 4.65
N ASN B 89 14.25 -5.08 4.65
CA ASN B 89 14.17 -3.91 5.54
C ASN B 89 15.24 -2.84 5.18
N TYR B 90 15.44 -2.57 3.88
CA TYR B 90 16.52 -1.65 3.41
C TYR B 90 17.96 -1.91 3.87
N ASN B 91 18.26 -3.15 4.24
CA ASN B 91 19.66 -3.57 4.47
C ASN B 91 20.34 -4.14 3.23
N GLY B 92 19.56 -4.76 2.36
CA GLY B 92 20.12 -5.44 1.19
C GLY B 92 19.81 -4.71 -0.11
N PHE B 93 20.82 -4.58 -0.96
CA PHE B 93 20.65 -3.78 -2.17
C PHE B 93 20.94 -4.59 -3.44
N GLY B 94 20.10 -4.43 -4.46
CA GLY B 94 20.49 -4.92 -5.76
C GLY B 94 19.89 -6.30 -6.01
N LEU B 95 20.06 -6.74 -7.25
CA LEU B 95 19.58 -8.08 -7.64
C LEU B 95 19.96 -9.22 -6.69
N MET B 96 21.16 -9.14 -6.15
CA MET B 96 21.74 -10.22 -5.37
C MET B 96 21.80 -9.77 -3.95
N GLN B 97 21.28 -8.56 -3.67
CA GLN B 97 21.10 -8.12 -2.27
C GLN B 97 22.38 -8.03 -1.42
N VAL B 98 23.28 -7.17 -1.85
CA VAL B 98 24.56 -6.86 -1.11
C VAL B 98 24.17 -6.20 0.22
N ASP B 99 24.62 -6.71 1.38
CA ASP B 99 24.20 -6.17 2.68
C ASP B 99 24.99 -4.91 3.02
N LYS B 100 24.28 -3.80 3.25
CA LYS B 100 24.94 -2.50 3.40
C LYS B 100 25.64 -2.46 4.79
N ARG B 101 25.31 -3.40 5.67
CA ARG B 101 26.04 -3.43 6.98
C ARG B 101 27.47 -3.94 6.92
N TYR B 102 27.84 -4.61 5.83
CA TYR B 102 29.19 -5.18 5.74
C TYR B 102 29.95 -4.78 4.50
N HIS B 103 29.22 -4.09 3.62
CA HIS B 103 29.71 -3.68 2.32
C HIS B 103 29.11 -2.35 1.95
N GLU B 104 29.90 -1.56 1.22
CA GLU B 104 29.46 -0.33 0.57
C GLU B 104 28.88 -0.70 -0.80
N PRO B 105 27.54 -0.69 -0.94
CA PRO B 105 26.97 -1.11 -2.21
C PRO B 105 27.36 -0.21 -3.36
N ARG B 106 27.90 -0.83 -4.42
CA ARG B 106 28.26 -0.18 -5.67
C ARG B 106 27.25 -0.43 -6.79
N GLY B 107 27.02 0.61 -7.60
CA GLY B 107 26.36 0.45 -8.88
C GLY B 107 24.86 0.61 -8.73
N ALA B 108 24.19 0.79 -9.85
CA ALA B 108 22.73 0.69 -9.88
C ALA B 108 22.31 -0.70 -9.47
N TRP B 109 21.09 -0.82 -8.93
CA TRP B 109 20.57 -2.11 -8.41
C TRP B 109 20.51 -3.23 -9.44
N ASN B 110 20.35 -2.87 -10.70
CA ASN B 110 20.35 -3.84 -11.81
C ASN B 110 21.59 -3.85 -12.69
N SER B 111 22.75 -3.46 -12.16
CA SER B 111 23.93 -3.30 -12.95
C SER B 111 24.89 -4.50 -12.99
N GLU B 112 25.69 -4.57 -14.04
CA GLU B 112 26.83 -5.44 -14.01
C GLU B 112 27.74 -5.16 -12.80
N GLU B 113 27.97 -3.87 -12.45
CA GLU B 113 28.82 -3.50 -11.30
C GLU B 113 28.31 -4.12 -9.99
N HIS B 114 27.00 -4.08 -9.79
CA HIS B 114 26.40 -4.68 -8.60
C HIS B 114 26.57 -6.25 -8.65
N ILE B 115 26.28 -6.86 -9.81
CA ILE B 115 26.42 -8.34 -9.90
C ILE B 115 27.86 -8.77 -9.60
N ASP B 116 28.80 -7.98 -10.10
CA ASP B 116 30.24 -8.22 -9.90
C ASP B 116 30.48 -8.13 -8.40
N GLN B 117 30.04 -7.04 -7.76
CA GLN B 117 30.26 -6.92 -6.31
C GLN B 117 29.74 -8.10 -5.46
N ALA B 118 28.47 -8.48 -5.67
CA ALA B 118 27.85 -9.58 -4.93
C ALA B 118 28.55 -10.95 -5.20
N THR B 119 28.97 -11.15 -6.45
CA THR B 119 29.55 -12.43 -6.83
C THR B 119 30.91 -12.54 -6.13
N GLY B 120 31.63 -11.42 -6.05
CA GLY B 120 32.91 -11.35 -5.35
C GLY B 120 32.73 -11.74 -3.90
N ILE B 121 31.67 -11.27 -3.28
CA ILE B 121 31.35 -11.61 -1.90
C ILE B 121 31.06 -13.14 -1.73
N LEU B 122 30.32 -13.69 -2.69
CA LEU B 122 30.16 -15.13 -2.74
C LEU B 122 31.51 -15.82 -2.74
N VAL B 123 32.42 -15.31 -3.54
CA VAL B 123 33.70 -15.96 -3.66
C VAL B 123 34.40 -15.89 -2.30
N ASN B 124 34.29 -14.75 -1.61
CA ASN B 124 34.85 -14.63 -0.26
C ASN B 124 34.33 -15.75 0.70
N PHE B 125 33.03 -15.96 0.67
CA PHE B 125 32.39 -17.03 1.42
C PHE B 125 32.81 -18.40 1.03
N ILE B 126 33.05 -18.66 -0.27
CA ILE B 126 33.64 -19.93 -0.70
C ILE B 126 34.98 -20.13 -0.01
N GLN B 127 35.82 -19.12 -0.03
CA GLN B 127 37.15 -19.19 0.63
C GLN B 127 37.04 -19.37 2.15
N LEU B 128 36.09 -18.70 2.79
CA LEU B 128 35.90 -18.91 4.22
C LEU B 128 35.45 -20.35 4.54
N ILE B 129 34.54 -20.87 3.69
CA ILE B 129 34.01 -22.23 3.92
C ILE B 129 35.07 -23.27 3.63
N GLN B 130 35.91 -23.04 2.63
CA GLN B 130 37.06 -23.92 2.36
C GLN B 130 38.00 -24.04 3.59
N LYS B 131 38.17 -22.94 4.29
CA LYS B 131 39.03 -22.93 5.45
C LYS B 131 38.33 -23.63 6.62
N LYS B 132 37.04 -23.37 6.81
CA LYS B 132 36.33 -23.89 7.95
C LYS B 132 36.06 -25.42 7.86
N PHE B 133 35.91 -25.93 6.61
CA PHE B 133 35.50 -27.33 6.40
C PHE B 133 36.46 -27.94 5.38
N PRO B 134 37.71 -28.07 5.74
CA PRO B 134 38.75 -28.56 4.79
C PRO B 134 38.51 -30.00 4.26
N SER B 135 37.75 -30.80 4.98
CA SER B 135 37.50 -32.18 4.54
C SER B 135 36.30 -32.32 3.61
N TRP B 136 35.51 -31.24 3.43
CA TRP B 136 34.33 -31.31 2.58
C TRP B 136 34.75 -31.31 1.13
N SER B 137 33.90 -31.86 0.28
CA SER B 137 34.16 -31.84 -1.17
C SER B 137 33.93 -30.42 -1.72
N THR B 138 34.44 -30.13 -2.91
CA THR B 138 34.22 -28.81 -3.53
C THR B 138 32.71 -28.53 -3.67
N GLU B 139 31.94 -29.59 -3.92
CA GLU B 139 30.46 -29.49 -4.12
C GLU B 139 29.83 -29.11 -2.81
N GLN B 140 30.25 -29.81 -1.76
CA GLN B 140 29.71 -29.47 -0.43
C GLN B 140 30.11 -28.07 0.02
N GLN B 141 31.35 -27.69 -0.23
CA GLN B 141 31.84 -26.35 0.10
C GLN B 141 31.05 -25.25 -0.65
N LEU B 142 30.71 -25.52 -1.90
CA LEU B 142 29.92 -24.56 -2.67
C LEU B 142 28.56 -24.35 -1.96
N LYS B 143 27.94 -25.46 -1.59
CA LYS B 143 26.66 -25.41 -0.90
C LYS B 143 26.78 -24.64 0.41
N GLY B 144 27.82 -24.97 1.21
CA GLY B 144 28.01 -24.20 2.46
C GLY B 144 28.24 -22.72 2.22
N ALA B 145 28.92 -22.35 1.12
CA ALA B 145 29.25 -20.97 0.80
C ALA B 145 27.99 -20.19 0.43
N ILE B 146 27.13 -20.87 -0.35
CA ILE B 146 25.82 -20.39 -0.68
C ILE B 146 25.00 -20.13 0.59
N ALA B 147 25.01 -21.07 1.49
CA ALA B 147 24.31 -20.86 2.74
C ALA B 147 24.95 -19.68 3.47
N ALA B 148 26.29 -19.59 3.48
CA ALA B 148 27.02 -18.50 4.17
C ALA B 148 26.67 -17.09 3.63
N TYR B 149 26.37 -17.06 2.34
CA TYR B 149 25.98 -15.81 1.66
C TYR B 149 24.70 -15.25 2.32
N ASN B 150 23.80 -16.15 2.72
CA ASN B 150 22.62 -15.72 3.45
C ASN B 150 22.80 -15.50 4.93
N THR B 151 23.48 -16.42 5.60
CA THR B 151 23.49 -16.35 7.05
C THR B 151 24.86 -16.13 7.73
N GLY B 152 25.93 -16.03 6.93
CA GLY B 152 27.27 -15.83 7.44
C GLY B 152 27.94 -17.18 7.68
N ASP B 153 29.25 -17.28 7.45
CA ASP B 153 29.95 -18.54 7.68
C ASP B 153 29.86 -19.04 9.14
N GLY B 154 29.74 -18.11 10.07
CA GLY B 154 29.61 -18.42 11.50
C GLY B 154 28.40 -19.30 11.81
N ARG B 155 27.36 -19.13 10.99
CA ARG B 155 26.14 -19.89 11.16
C ARG B 155 25.99 -21.14 10.30
N VAL B 156 27.09 -21.49 9.63
CA VAL B 156 27.19 -22.78 9.00
C VAL B 156 28.02 -23.66 9.90
N GLU B 157 27.34 -24.59 10.57
CA GLU B 157 27.96 -25.38 11.64
C GLU B 157 28.29 -26.77 11.13
N SER B 158 27.51 -27.25 10.16
CA SER B 158 27.70 -28.60 9.69
C SER B 158 27.07 -28.78 8.30
N TYR B 159 27.39 -29.88 7.64
CA TYR B 159 26.84 -30.14 6.31
C TYR B 159 25.34 -30.51 6.37
N GLU B 160 25.00 -31.32 7.36
CA GLU B 160 23.66 -31.91 7.46
C GLU B 160 22.79 -30.77 7.88
N SER B 161 23.37 -29.84 8.64
CA SER B 161 22.64 -28.70 9.13
C SER B 161 22.92 -27.44 8.32
N VAL B 162 23.43 -27.60 7.09
CA VAL B 162 23.96 -26.43 6.36
C VAL B 162 22.96 -25.23 6.34
N ASP B 163 21.64 -25.48 6.20
CA ASP B 163 20.68 -24.39 6.07
C ASP B 163 19.91 -24.06 7.34
N SER B 164 20.27 -24.65 8.48
CA SER B 164 19.42 -24.53 9.67
C SER B 164 19.24 -23.10 10.15
N ARG B 165 20.26 -22.26 9.94
CA ARG B 165 20.22 -20.88 10.37
C ARG B 165 19.98 -19.89 9.23
N THR B 166 19.48 -20.39 8.11
CA THR B 166 19.25 -19.53 6.99
C THR B 166 17.80 -19.08 6.97
N THR B 167 17.54 -18.00 6.24
CA THR B 167 16.15 -17.52 5.99
C THR B 167 15.40 -18.72 5.31
N GLY B 168 14.24 -19.03 5.84
CA GLY B 168 13.48 -20.23 5.45
C GLY B 168 14.02 -21.61 5.77
N LYS B 169 15.18 -21.71 6.45
CA LYS B 169 15.84 -22.98 6.74
C LYS B 169 16.10 -23.83 5.51
N ASP B 170 16.29 -23.13 4.40
CA ASP B 170 16.46 -23.77 3.07
C ASP B 170 17.35 -23.08 2.03
N TYR B 171 18.14 -22.08 2.45
CA TYR B 171 18.62 -21.12 1.47
C TYR B 171 19.49 -21.81 0.40
N SER B 172 20.53 -22.53 0.82
CA SER B 172 21.38 -23.22 -0.21
C SER B 172 20.66 -24.39 -0.92
N ASN B 173 19.88 -25.16 -0.21
CA ASN B 173 19.08 -26.21 -0.85
C ASN B 173 18.23 -25.60 -1.99
N ASP B 174 17.53 -24.52 -1.66
CA ASP B 174 16.70 -23.82 -2.67
C ASP B 174 17.54 -23.32 -3.85
N VAL B 175 18.58 -22.52 -3.55
CA VAL B 175 19.42 -21.93 -4.53
C VAL B 175 20.05 -22.94 -5.44
N VAL B 176 20.57 -24.03 -4.86
CA VAL B 176 21.20 -25.10 -5.68
C VAL B 176 20.18 -25.70 -6.64
N ALA B 177 18.95 -25.94 -6.19
CA ALA B 177 17.87 -26.52 -7.04
C ALA B 177 17.54 -25.53 -8.15
N ARG B 178 17.39 -24.24 -7.79
CA ARG B 178 17.16 -23.27 -8.86
C ARG B 178 18.29 -23.21 -9.87
N ALA B 179 19.53 -23.30 -9.40
CA ALA B 179 20.71 -23.31 -10.29
C ALA B 179 20.64 -24.51 -11.24
N GLN B 180 20.29 -25.66 -10.66
CA GLN B 180 20.20 -26.87 -11.51
C GLN B 180 19.14 -26.69 -12.62
N TRP B 181 18.02 -26.07 -12.28
CA TRP B 181 17.06 -25.73 -13.34
C TRP B 181 17.63 -24.72 -14.38
N TYR B 182 18.21 -23.62 -13.89
CA TYR B 182 18.87 -22.62 -14.81
C TYR B 182 19.91 -23.26 -15.73
N LYS B 183 20.72 -24.15 -15.18
CA LYS B 183 21.68 -24.91 -15.96
C LYS B 183 21.10 -25.64 -17.18
N LYS B 184 19.87 -26.10 -17.08
CA LYS B 184 19.17 -26.87 -18.16
C LYS B 184 18.33 -25.91 -19.03
N ASN B 185 18.31 -24.63 -18.65
CA ASN B 185 17.45 -23.63 -19.26
C ASN B 185 18.19 -22.36 -19.62
N GLY B 186 19.34 -22.56 -20.27
CA GLY B 186 20.07 -21.50 -20.93
C GLY B 186 21.24 -20.90 -20.16
N PHE B 187 21.46 -21.31 -18.92
CA PHE B 187 22.65 -20.84 -18.24
C PHE B 187 23.68 -21.92 -18.12
N VAL C 1 -27.83 4.25 -11.71
CA VAL C 1 -28.13 5.00 -10.44
C VAL C 1 -29.52 4.62 -9.93
N GLY C 2 -29.63 3.43 -9.33
CA GLY C 2 -30.94 3.00 -8.78
C GLY C 2 -32.02 3.67 -9.62
N TYR C 3 -33.03 4.26 -9.00
CA TYR C 3 -33.35 4.21 -7.55
C TYR C 3 -33.01 5.26 -6.46
N GLY C 4 -32.25 6.36 -6.61
CA GLY C 4 -31.31 6.73 -7.64
C GLY C 4 -29.92 6.94 -6.99
N ASP C 5 -29.49 8.18 -6.71
CA ASP C 5 -28.06 8.48 -6.44
C ASP C 5 -27.69 8.51 -4.93
N ILE C 6 -27.01 7.45 -4.48
CA ILE C 6 -26.66 7.34 -3.06
C ILE C 6 -25.77 8.48 -2.57
N THR C 7 -25.00 9.10 -3.48
CA THR C 7 -24.11 10.19 -3.07
C THR C 7 -24.87 11.47 -2.73
N GLN C 8 -26.14 11.51 -3.12
CA GLN C 8 -26.97 12.70 -2.95
C GLN C 8 -28.09 12.49 -1.93
N VAL C 9 -28.04 11.39 -1.21
CA VAL C 9 -28.97 11.22 -0.10
C VAL C 9 -28.37 11.93 1.13
N GLU C 10 -29.18 12.70 1.84
CA GLU C 10 -28.63 13.32 3.05
C GLU C 10 -28.69 12.37 4.26
N THR C 11 -27.65 12.44 5.08
CA THR C 11 -27.49 11.55 6.19
C THR C 11 -26.80 12.17 7.40
N SER C 12 -27.31 11.82 8.57
CA SER C 12 -26.70 12.14 9.88
C SER C 12 -25.90 10.97 10.48
N GLY C 13 -25.72 9.88 9.73
CA GLY C 13 -24.90 8.78 10.23
C GLY C 13 -25.45 8.06 11.46
N ALA C 14 -24.53 7.45 12.23
CA ALA C 14 -24.84 6.52 13.28
C ALA C 14 -25.24 7.31 14.53
N SER C 15 -26.14 6.75 15.35
CA SER C 15 -26.43 7.27 16.67
C SER C 15 -25.29 6.84 17.62
N SER C 16 -25.32 7.43 18.81
CA SER C 16 -24.33 7.06 19.85
C SER C 16 -24.52 5.60 20.21
N LYS C 17 -25.77 5.14 20.23
CA LYS C 17 -26.03 3.77 20.58
C LYS C 17 -25.32 2.84 19.64
N THR C 18 -25.49 3.04 18.33
CA THR C 18 -24.79 2.14 17.44
C THR C 18 -23.24 2.30 17.39
N SER C 19 -22.71 3.52 17.36
CA SER C 19 -21.23 3.67 17.40
C SER C 19 -20.59 3.01 18.62
N ARG C 20 -21.34 2.90 19.72
CA ARG C 20 -20.80 2.10 20.85
C ARG C 20 -20.44 0.66 20.57
N GLN C 21 -20.96 0.11 19.47
CA GLN C 21 -20.62 -1.23 19.02
C GLN C 21 -19.14 -1.39 18.75
N ASP C 22 -18.54 -0.37 18.12
CA ASP C 22 -17.11 -0.36 17.80
C ASP C 22 -16.33 0.32 18.92
N LYS C 23 -16.99 0.63 20.03
CA LYS C 23 -16.39 1.35 21.13
C LYS C 23 -15.87 2.75 20.74
N LEU C 24 -16.54 3.37 19.76
CA LEU C 24 -16.24 4.73 19.37
C LEU C 24 -16.80 5.74 20.37
N GLU C 25 -16.04 6.82 20.58
CA GLU C 25 -16.40 7.95 21.42
C GLU C 25 -16.94 9.11 20.58
N TYR C 26 -17.31 8.82 19.33
CA TYR C 26 -18.00 9.84 18.57
C TYR C 26 -19.09 9.14 17.78
N ASP C 27 -19.99 9.96 17.25
CA ASP C 27 -21.11 9.38 16.49
C ASP C 27 -21.20 10.02 15.11
N GLY C 28 -22.36 9.85 14.50
CA GLY C 28 -22.63 10.49 13.21
C GLY C 28 -21.95 9.87 12.02
N VAL C 29 -21.75 10.71 11.02
CA VAL C 29 -21.16 10.27 9.77
C VAL C 29 -19.75 9.72 9.96
N ARG C 30 -18.93 10.36 10.78
CA ARG C 30 -17.60 9.83 11.11
C ARG C 30 -17.70 8.42 11.65
N ALA C 31 -18.62 8.19 12.60
CA ALA C 31 -18.76 6.83 13.17
C ALA C 31 -19.12 5.83 12.11
N SER C 32 -20.11 6.19 11.28
CA SER C 32 -20.50 5.32 10.15
C SER C 32 -19.28 5.01 9.28
N HIS C 33 -18.49 6.02 8.93
CA HIS C 33 -17.34 5.73 8.03
C HIS C 33 -16.34 4.76 8.69
N THR C 34 -16.10 4.97 9.96
CA THR C 34 -15.19 4.11 10.70
C THR C 34 -15.70 2.66 10.73
N MET C 35 -17.00 2.51 11.01
CA MET C 35 -17.63 1.18 11.09
C MET C 35 -17.61 0.48 9.74
N ALA C 36 -17.90 1.20 8.65
CA ALA C 36 -17.68 0.66 7.29
C ALA C 36 -16.20 0.24 7.01
N GLN C 37 -15.26 1.14 7.31
CA GLN C 37 -13.82 0.90 7.19
C GLN C 37 -13.39 -0.42 7.94
N THR C 38 -13.92 -0.60 9.16
CA THR C 38 -13.68 -1.83 9.92
C THR C 38 -14.06 -3.10 9.19
N ASP C 39 -15.15 -3.04 8.42
CA ASP C 39 -15.77 -4.23 7.83
C ASP C 39 -15.25 -4.42 6.40
N ALA C 40 -14.49 -3.45 5.88
CA ALA C 40 -13.95 -3.47 4.50
C ALA C 40 -13.09 -4.71 4.12
N GLY C 41 -12.32 -5.22 5.08
CA GLY C 41 -11.46 -6.40 4.79
C GLY C 41 -12.30 -7.62 4.50
N ARG C 42 -13.26 -7.86 5.38
CA ARG C 42 -14.19 -8.99 5.28
C ARG C 42 -15.12 -8.84 4.06
N MET C 43 -15.44 -7.60 3.71
CA MET C 43 -16.30 -7.30 2.57
C MET C 43 -15.65 -7.68 1.26
N GLU C 44 -14.32 -7.64 1.18
CA GLU C 44 -13.64 -8.00 -0.10
C GLU C 44 -14.05 -9.37 -0.61
N LYS C 45 -14.26 -10.32 0.31
CA LYS C 45 -14.63 -11.72 0.01
C LYS C 45 -15.89 -11.80 -0.83
N TYR C 46 -16.75 -10.81 -0.64
CA TYR C 46 -18.06 -10.78 -1.28
C TYR C 46 -18.22 -9.81 -2.45
N LYS C 47 -17.13 -9.10 -2.80
CA LYS C 47 -17.21 -8.04 -3.80
C LYS C 47 -17.80 -8.53 -5.16
N SER C 48 -17.36 -9.70 -5.64
CA SER C 48 -17.93 -10.25 -6.88
C SER C 48 -19.42 -10.57 -6.77
N PHE C 49 -19.82 -11.27 -5.71
CA PHE C 49 -21.24 -11.49 -5.50
C PHE C 49 -22.01 -10.15 -5.55
N ILE C 50 -21.57 -9.20 -4.73
CA ILE C 50 -22.28 -7.93 -4.59
C ILE C 50 -22.46 -7.24 -5.93
N ASN C 51 -21.41 -7.23 -6.75
CA ASN C 51 -21.47 -6.56 -8.08
C ASN C 51 -22.41 -7.25 -9.06
N ASN C 52 -22.36 -8.59 -9.09
CA ASN C 52 -23.29 -9.40 -9.87
C ASN C 52 -24.76 -9.11 -9.52
N VAL C 53 -25.05 -9.16 -8.22
CA VAL C 53 -26.41 -8.87 -7.76
C VAL C 53 -26.76 -7.43 -7.99
N ALA C 54 -25.82 -6.53 -7.72
CA ALA C 54 -26.05 -5.12 -8.00
C ALA C 54 -26.54 -4.97 -9.45
N LYS C 55 -25.81 -5.55 -10.39
CA LYS C 55 -26.24 -5.39 -11.76
C LYS C 55 -27.61 -6.03 -12.05
N LYS C 56 -27.88 -7.18 -11.44
CA LYS C 56 -29.17 -7.85 -11.68
C LYS C 56 -30.38 -7.03 -11.22
N HIS C 57 -30.26 -6.35 -10.07
CA HIS C 57 -31.36 -5.61 -9.47
C HIS C 57 -31.35 -4.10 -9.76
N VAL C 58 -30.32 -3.66 -10.49
CA VAL C 58 -30.04 -2.26 -10.75
C VAL C 58 -29.99 -1.43 -9.46
N VAL C 59 -29.20 -1.92 -8.50
CA VAL C 59 -29.00 -1.27 -7.20
C VAL C 59 -27.50 -1.01 -7.05
N ASP C 60 -27.13 0.12 -6.45
CA ASP C 60 -25.73 0.46 -6.32
C ASP C 60 -25.08 -0.59 -5.39
N PRO C 61 -23.98 -1.22 -5.83
CA PRO C 61 -23.28 -2.20 -4.95
C PRO C 61 -22.85 -1.62 -3.58
N ALA C 62 -22.58 -0.32 -3.51
CA ALA C 62 -22.18 0.28 -2.24
C ALA C 62 -23.33 0.13 -1.24
N VAL C 63 -24.57 0.17 -1.75
CA VAL C 63 -25.68 0.13 -0.79
C VAL C 63 -25.78 -1.30 -0.25
N ILE C 64 -25.53 -2.26 -1.12
CA ILE C 64 -25.57 -3.69 -0.70
C ILE C 64 -24.48 -3.94 0.32
N ALA C 65 -23.26 -3.54 -0.03
CA ALA C 65 -22.16 -3.62 0.95
C ALA C 65 -22.55 -2.96 2.32
N ALA C 66 -23.15 -1.78 2.29
CA ALA C 66 -23.49 -1.07 3.53
C ALA C 66 -24.49 -1.82 4.37
N ILE C 67 -25.48 -2.42 3.72
CA ILE C 67 -26.44 -3.24 4.50
C ILE C 67 -25.75 -4.50 5.08
N ILE C 68 -24.89 -5.17 4.30
CA ILE C 68 -24.03 -6.22 4.85
C ILE C 68 -23.21 -5.72 6.05
N SER C 69 -22.63 -4.52 5.98
CA SER C 69 -21.85 -4.02 7.13
C SER C 69 -22.77 -3.80 8.36
N ARG C 70 -23.91 -3.19 8.13
CA ARG C 70 -24.80 -2.85 9.26
C ARG C 70 -25.34 -4.14 9.86
N GLU C 71 -25.72 -5.08 9.01
CA GLU C 71 -26.54 -6.24 9.45
C GLU C 71 -25.70 -7.31 10.20
N SER C 72 -24.52 -7.60 9.64
CA SER C 72 -23.69 -8.70 10.10
C SER C 72 -22.21 -8.36 10.18
N ARG C 73 -21.86 -7.07 10.03
CA ARG C 73 -20.46 -6.69 10.03
C ARG C 73 -19.73 -7.56 9.00
N ALA C 74 -20.38 -7.82 7.85
CA ALA C 74 -19.77 -8.65 6.78
C ALA C 74 -19.43 -10.07 7.26
N GLY C 75 -20.28 -10.58 8.14
CA GLY C 75 -20.37 -12.01 8.45
C GLY C 75 -19.77 -12.29 9.79
N ASN C 76 -19.30 -11.23 10.44
CA ASN C 76 -18.62 -11.34 11.73
C ASN C 76 -19.59 -11.81 12.82
N TYR C 90 -34.83 -14.35 16.80
CA TYR C 90 -34.17 -15.32 15.93
C TYR C 90 -34.63 -15.20 14.46
N ASN C 91 -35.26 -14.06 14.12
CA ASN C 91 -35.90 -13.85 12.80
C ASN C 91 -35.00 -13.60 11.58
N GLY C 92 -33.77 -13.14 11.79
CA GLY C 92 -32.85 -12.82 10.70
C GLY C 92 -32.00 -13.95 10.13
N PHE C 93 -31.84 -13.99 8.80
CA PHE C 93 -30.99 -14.98 8.14
C PHE C 93 -29.87 -14.36 7.27
N GLY C 94 -28.64 -14.75 7.56
CA GLY C 94 -27.60 -14.56 6.55
C GLY C 94 -26.89 -13.21 6.61
N LEU C 95 -25.97 -12.97 5.69
CA LEU C 95 -25.20 -11.69 5.74
C LEU C 95 -26.07 -10.41 5.79
N MET C 96 -27.21 -10.43 5.11
CA MET C 96 -28.09 -9.25 5.05
C MET C 96 -29.36 -9.43 5.87
N GLN C 97 -29.42 -10.53 6.64
CA GLN C 97 -30.45 -10.71 7.69
C GLN C 97 -31.90 -10.57 7.13
N VAL C 98 -32.17 -11.36 6.09
CA VAL C 98 -33.53 -11.58 5.52
C VAL C 98 -34.47 -12.01 6.64
N ASP C 99 -35.63 -11.34 6.75
CA ASP C 99 -36.59 -11.62 7.82
C ASP C 99 -37.34 -12.90 7.46
N LYS C 100 -37.06 -13.99 8.19
CA LYS C 100 -37.67 -15.26 7.84
C LYS C 100 -39.16 -15.37 8.25
N ARG C 101 -39.72 -14.38 8.91
CA ARG C 101 -41.15 -14.37 9.20
C ARG C 101 -41.92 -14.03 7.93
N TYR C 102 -41.21 -13.60 6.89
CA TYR C 102 -41.88 -13.03 5.72
C TYR C 102 -41.34 -13.54 4.39
N HIS C 103 -40.25 -14.30 4.44
CA HIS C 103 -39.56 -14.77 3.27
C HIS C 103 -38.96 -16.10 3.64
N GLU C 104 -39.00 -17.01 2.67
CA GLU C 104 -38.32 -18.33 2.76
C GLU C 104 -36.86 -18.18 2.35
N PRO C 105 -35.91 -18.31 3.30
CA PRO C 105 -34.51 -18.06 2.90
C PRO C 105 -33.96 -19.06 1.88
N ARG C 106 -33.21 -18.53 0.94
CA ARG C 106 -32.56 -19.33 -0.07
C ARG C 106 -31.06 -19.22 0.03
N GLY C 107 -30.35 -20.29 -0.31
CA GLY C 107 -28.89 -20.30 -0.31
C GLY C 107 -28.24 -20.39 1.06
N ALA C 108 -26.91 -20.58 1.04
CA ALA C 108 -26.07 -20.52 2.23
C ALA C 108 -26.13 -19.08 2.72
N TRP C 109 -25.93 -18.92 4.03
CA TRP C 109 -25.97 -17.60 4.70
C TRP C 109 -25.02 -16.57 4.07
N ASN C 110 -23.95 -17.05 3.43
CA ASN C 110 -22.96 -16.20 2.78
C ASN C 110 -22.86 -16.32 1.24
N SER C 111 -23.96 -16.74 0.59
CA SER C 111 -23.97 -17.04 -0.85
C SER C 111 -24.41 -15.87 -1.70
N GLU C 112 -24.10 -15.93 -2.98
CA GLU C 112 -24.64 -15.00 -3.95
C GLU C 112 -26.18 -15.09 -3.92
N GLU C 113 -26.72 -16.31 -3.93
CA GLU C 113 -28.16 -16.53 -3.89
C GLU C 113 -28.85 -15.79 -2.72
N HIS C 114 -28.20 -15.77 -1.56
CA HIS C 114 -28.78 -15.04 -0.42
C HIS C 114 -28.74 -13.52 -0.63
N ILE C 115 -27.59 -13.02 -1.04
CA ILE C 115 -27.47 -11.59 -1.33
C ILE C 115 -28.52 -11.17 -2.42
N ASP C 116 -28.77 -12.06 -3.35
CA ASP C 116 -29.66 -11.81 -4.46
C ASP C 116 -31.09 -11.66 -3.88
N GLN C 117 -31.51 -12.64 -3.09
CA GLN C 117 -32.84 -12.56 -2.44
C GLN C 117 -33.03 -11.29 -1.58
N ALA C 118 -32.02 -10.99 -0.77
CA ALA C 118 -32.04 -9.82 0.13
C ALA C 118 -32.19 -8.50 -0.63
N THR C 119 -31.53 -8.39 -1.75
CA THR C 119 -31.49 -7.19 -2.47
C THR C 119 -32.77 -7.08 -3.23
N GLY C 120 -33.35 -8.22 -3.66
CA GLY C 120 -34.73 -8.17 -4.21
C GLY C 120 -35.77 -7.67 -3.22
N ILE C 121 -35.63 -8.07 -1.96
CA ILE C 121 -36.59 -7.61 -0.95
C ILE C 121 -36.40 -6.07 -0.79
N LEU C 122 -35.17 -5.63 -0.77
CA LEU C 122 -34.91 -4.15 -0.73
C LEU C 122 -35.62 -3.43 -1.90
N VAL C 123 -35.47 -3.97 -3.12
CA VAL C 123 -36.21 -3.43 -4.26
C VAL C 123 -37.71 -3.37 -4.02
N ASN C 124 -38.28 -4.43 -3.42
CA ASN C 124 -39.70 -4.36 -2.99
C ASN C 124 -40.01 -3.15 -2.12
N PHE C 125 -39.18 -2.96 -1.10
CA PHE C 125 -39.37 -1.83 -0.20
C PHE C 125 -39.21 -0.47 -0.93
N ILE C 126 -38.33 -0.37 -1.89
CA ILE C 126 -38.25 0.87 -2.66
C ILE C 126 -39.58 1.10 -3.42
N GLN C 127 -40.09 0.05 -4.05
CA GLN C 127 -41.45 0.19 -4.69
C GLN C 127 -42.56 0.59 -3.72
N LEU C 128 -42.58 0.01 -2.51
CA LEU C 128 -43.57 0.37 -1.53
C LEU C 128 -43.41 1.84 -1.11
N ILE C 129 -42.17 2.24 -0.83
CA ILE C 129 -41.93 3.64 -0.33
C ILE C 129 -42.26 4.69 -1.40
N GLN C 130 -41.88 4.40 -2.62
CA GLN C 130 -42.21 5.23 -3.74
C GLN C 130 -43.73 5.51 -3.84
N LYS C 131 -44.55 4.49 -3.53
CA LYS C 131 -46.00 4.60 -3.54
C LYS C 131 -46.53 5.32 -2.36
N LYS C 132 -45.91 5.09 -1.21
CA LYS C 132 -46.35 5.72 -0.01
C LYS C 132 -46.06 7.23 0.08
N PHE C 133 -44.92 7.64 -0.47
CA PHE C 133 -44.45 9.03 -0.40
C PHE C 133 -44.19 9.53 -1.80
N PRO C 134 -45.28 9.69 -2.57
CA PRO C 134 -45.06 10.01 -3.98
C PRO C 134 -44.44 11.42 -4.24
N SER C 135 -44.46 12.28 -3.23
CA SER C 135 -43.93 13.63 -3.40
C SER C 135 -42.42 13.75 -3.12
N TRP C 136 -41.84 12.72 -2.49
CA TRP C 136 -40.40 12.72 -2.21
C TRP C 136 -39.55 12.56 -3.48
N SER C 137 -38.26 12.99 -3.44
CA SER C 137 -37.31 12.68 -4.50
C SER C 137 -37.00 11.20 -4.44
N THR C 138 -36.34 10.74 -5.51
CA THR C 138 -35.93 9.38 -5.60
C THR C 138 -34.92 9.08 -4.47
N GLU C 139 -34.06 10.06 -4.16
CA GLU C 139 -33.07 9.94 -3.07
C GLU C 139 -33.74 9.77 -1.73
N GLN C 140 -34.76 10.59 -1.47
CA GLN C 140 -35.49 10.52 -0.20
C GLN C 140 -36.15 9.14 -0.11
N GLN C 141 -36.70 8.68 -1.23
CA GLN C 141 -37.36 7.37 -1.27
C GLN C 141 -36.39 6.25 -1.01
N LEU C 142 -35.18 6.36 -1.57
CA LEU C 142 -34.12 5.35 -1.34
C LEU C 142 -33.83 5.27 0.17
N LYS C 143 -33.67 6.42 0.80
CA LYS C 143 -33.46 6.43 2.25
C LYS C 143 -34.64 5.73 3.03
N GLY C 144 -35.88 6.14 2.70
CA GLY C 144 -37.09 5.52 3.22
C GLY C 144 -37.14 4.01 3.08
N ALA C 145 -36.71 3.50 1.89
CA ALA C 145 -36.72 2.10 1.56
C ALA C 145 -35.69 1.35 2.42
N ILE C 146 -34.53 1.98 2.62
CA ILE C 146 -33.52 1.43 3.50
C ILE C 146 -34.03 1.29 4.94
N ALA C 147 -34.67 2.32 5.50
CA ALA C 147 -35.31 2.23 6.82
C ALA C 147 -36.37 1.08 6.83
N ALA C 148 -37.19 1.03 5.78
CA ALA C 148 -38.19 0.00 5.66
C ALA C 148 -37.58 -1.36 5.64
N TYR C 149 -36.36 -1.49 5.10
CA TYR C 149 -35.71 -2.77 5.11
C TYR C 149 -35.53 -3.27 6.52
N ASN C 150 -35.29 -2.35 7.44
CA ASN C 150 -35.13 -2.75 8.83
C ASN C 150 -36.50 -2.89 9.55
N THR C 151 -37.39 -1.92 9.36
CA THR C 151 -38.55 -1.80 10.29
C THR C 151 -39.90 -2.03 9.58
N GLY C 152 -39.88 -2.19 8.27
CA GLY C 152 -41.16 -2.34 7.53
C GLY C 152 -41.66 -0.97 7.07
N ASP C 153 -42.32 -0.87 5.91
CA ASP C 153 -42.78 0.44 5.43
C ASP C 153 -43.90 1.01 6.33
N GLY C 154 -44.64 0.15 7.02
CA GLY C 154 -45.71 0.68 7.89
C GLY C 154 -45.17 1.52 9.06
N ARG C 155 -43.87 1.34 9.39
CA ARG C 155 -43.23 2.07 10.48
C ARG C 155 -42.34 3.25 10.05
N VAL C 156 -42.41 3.58 8.76
CA VAL C 156 -41.71 4.73 8.23
C VAL C 156 -42.82 5.69 7.88
N GLU C 157 -42.90 6.75 8.68
CA GLU C 157 -44.07 7.62 8.73
C GLU C 157 -43.80 9.05 8.17
N SER C 158 -42.53 9.44 8.10
CA SER C 158 -42.18 10.70 7.50
C SER C 158 -40.72 10.71 7.12
N TYR C 159 -40.30 11.71 6.35
CA TYR C 159 -38.89 11.85 6.01
C TYR C 159 -38.08 12.31 7.21
N GLU C 160 -38.53 13.39 7.86
CA GLU C 160 -37.81 13.84 9.06
C GLU C 160 -37.66 12.78 10.15
N SER C 161 -38.59 11.83 10.18
CA SER C 161 -38.69 10.83 11.25
C SER C 161 -38.41 9.43 10.65
N VAL C 162 -37.72 9.42 9.51
CA VAL C 162 -37.51 8.16 8.78
C VAL C 162 -36.93 7.01 9.60
N ASP C 163 -35.99 7.31 10.52
CA ASP C 163 -35.34 6.30 11.35
C ASP C 163 -35.91 6.08 12.79
N SER C 164 -36.96 6.83 13.12
CA SER C 164 -37.37 6.93 14.52
C SER C 164 -37.85 5.59 15.10
N ARG C 165 -38.26 4.68 14.21
CA ARG C 165 -38.76 3.37 14.60
C ARG C 165 -37.84 2.26 14.18
N THR C 166 -36.64 2.62 13.73
CA THR C 166 -35.63 1.64 13.35
C THR C 166 -34.70 1.21 14.50
N THR C 167 -33.99 0.11 14.32
CA THR C 167 -32.98 -0.35 15.29
C THR C 167 -31.98 0.80 15.39
N GLY C 168 -31.67 1.20 16.63
CA GLY C 168 -30.68 2.23 16.89
C GLY C 168 -31.19 3.64 16.67
N LYS C 169 -32.44 3.74 16.17
CA LYS C 169 -33.01 5.03 15.75
C LYS C 169 -32.11 5.72 14.70
N ASP C 170 -31.44 4.91 13.89
CA ASP C 170 -30.48 5.45 12.90
C ASP C 170 -30.25 4.60 11.66
N TYR C 171 -31.14 3.66 11.37
CA TYR C 171 -30.73 2.57 10.45
C TYR C 171 -30.38 3.12 9.05
N SER C 172 -31.32 3.86 8.45
CA SER C 172 -31.06 4.35 7.09
C SER C 172 -29.94 5.42 7.14
N ASN C 173 -29.91 6.26 8.15
CA ASN C 173 -28.83 7.29 8.25
C ASN C 173 -27.48 6.58 8.28
N ASP C 174 -27.36 5.54 9.13
CA ASP C 174 -26.08 4.82 9.24
C ASP C 174 -25.76 4.13 7.93
N VAL C 175 -26.72 3.35 7.40
CA VAL C 175 -26.45 2.58 6.20
C VAL C 175 -26.03 3.49 5.03
N VAL C 176 -26.74 4.59 4.85
CA VAL C 176 -26.40 5.58 3.78
C VAL C 176 -24.98 6.09 3.91
N ALA C 177 -24.56 6.41 5.14
CA ALA C 177 -23.23 6.96 5.42
C ALA C 177 -22.19 5.88 5.16
N ARG C 178 -22.49 4.64 5.56
CA ARG C 178 -21.57 3.54 5.17
C ARG C 178 -21.47 3.35 3.67
N ALA C 179 -22.61 3.39 3.00
CA ALA C 179 -22.64 3.26 1.53
C ALA C 179 -21.77 4.32 0.86
N GLN C 180 -21.84 5.53 1.35
CA GLN C 180 -21.07 6.61 0.71
C GLN C 180 -19.60 6.34 0.93
N TRP C 181 -19.29 5.76 2.07
CA TRP C 181 -17.88 5.29 2.29
C TRP C 181 -17.48 4.20 1.32
N TYR C 182 -18.31 3.17 1.20
CA TYR C 182 -17.95 2.07 0.28
C TYR C 182 -17.79 2.62 -1.15
N LYS C 183 -18.64 3.57 -1.49
CA LYS C 183 -18.64 4.15 -2.82
C LYS C 183 -17.26 4.70 -3.12
N LYS C 184 -16.61 5.33 -2.14
CA LYS C 184 -15.26 5.85 -2.34
C LYS C 184 -14.16 4.81 -2.14
N ASN C 185 -14.52 3.61 -1.71
CA ASN C 185 -13.51 2.60 -1.42
C ASN C 185 -13.86 1.24 -2.04
N GLY C 186 -13.83 1.16 -3.36
CA GLY C 186 -13.90 -0.14 -4.02
C GLY C 186 -15.28 -0.61 -4.47
N PHE C 187 -16.31 0.08 -3.98
CA PHE C 187 -17.68 -0.18 -4.41
C PHE C 187 -18.27 0.98 -5.17
N GLY D 2 5.63 26.25 23.16
CA GLY D 2 6.92 25.53 23.37
C GLY D 2 7.80 25.65 22.14
N TYR D 3 8.22 24.52 21.56
CA TYR D 3 7.63 23.20 21.91
C TYR D 3 8.42 22.13 22.70
N GLY D 4 9.68 22.29 23.12
CA GLY D 4 10.68 23.09 22.52
C GLY D 4 11.75 22.19 21.90
N ASP D 5 12.83 21.88 22.64
CA ASP D 5 14.03 21.33 22.00
C ASP D 5 14.31 19.85 22.28
N ILE D 6 13.97 19.01 21.29
CA ILE D 6 14.12 17.57 21.47
C ILE D 6 15.52 17.07 21.91
N THR D 7 16.59 17.77 21.47
CA THR D 7 17.96 17.40 21.84
C THR D 7 18.22 17.72 23.30
N GLN D 8 17.32 18.46 23.92
CA GLN D 8 17.49 18.80 25.33
C GLN D 8 16.52 18.05 26.23
N VAL D 9 15.79 17.09 25.69
CA VAL D 9 14.83 16.33 26.55
C VAL D 9 15.56 15.14 27.19
N GLU D 10 15.30 14.88 28.46
CA GLU D 10 16.01 13.84 29.14
C GLU D 10 15.34 12.51 28.85
N THR D 11 16.14 11.47 28.65
CA THR D 11 15.55 10.14 28.31
C THR D 11 16.35 8.95 28.82
N SER D 12 15.64 7.91 29.26
CA SER D 12 16.24 6.62 29.57
C SER D 12 16.00 5.55 28.50
N GLY D 13 15.53 5.95 27.31
CA GLY D 13 15.21 4.98 26.25
C GLY D 13 14.18 3.88 26.53
N ALA D 14 14.33 2.78 25.78
CA ALA D 14 13.38 1.64 25.76
C ALA D 14 13.49 0.77 27.01
N SER D 15 12.35 0.35 27.53
CA SER D 15 12.30 -0.71 28.54
C SER D 15 12.76 -2.04 27.93
N SER D 16 13.18 -2.99 28.79
CA SER D 16 13.46 -4.36 28.31
C SER D 16 12.33 -5.00 27.49
N LYS D 17 11.09 -4.87 27.94
CA LYS D 17 9.96 -5.41 27.18
C LYS D 17 9.97 -4.92 25.72
N THR D 18 10.08 -3.61 25.55
CA THR D 18 10.08 -3.12 24.15
C THR D 18 11.31 -3.47 23.37
N SER D 19 12.48 -3.46 24.02
CA SER D 19 13.70 -3.84 23.26
C SER D 19 13.68 -5.33 22.84
N ARG D 20 12.94 -6.13 23.59
CA ARG D 20 12.66 -7.51 23.15
C ARG D 20 11.98 -7.69 21.77
N GLN D 21 11.25 -6.69 21.31
CA GLN D 21 10.54 -6.81 20.06
C GLN D 21 11.49 -6.99 18.87
N ASP D 22 12.72 -6.45 18.96
CA ASP D 22 13.75 -6.71 17.94
C ASP D 22 14.80 -7.73 18.45
N LYS D 23 14.44 -8.46 19.53
CA LYS D 23 15.34 -9.53 20.06
C LYS D 23 16.69 -8.99 20.54
N LEU D 24 16.67 -7.80 21.16
CA LEU D 24 17.88 -7.16 21.64
C LEU D 24 18.19 -7.66 23.05
N GLU D 25 19.49 -7.90 23.26
CA GLU D 25 20.01 -8.25 24.58
C GLU D 25 20.38 -7.05 25.49
N TYR D 26 19.98 -5.84 25.10
CA TYR D 26 20.14 -4.64 25.92
C TYR D 26 18.87 -3.76 25.78
N ASP D 27 18.74 -2.80 26.70
CA ASP D 27 17.66 -1.85 26.64
C ASP D 27 18.20 -0.42 26.59
N GLY D 28 17.33 0.52 26.98
CA GLY D 28 17.72 1.91 27.16
C GLY D 28 17.86 2.70 25.91
N VAL D 29 18.63 3.77 26.00
CA VAL D 29 18.95 4.55 24.82
C VAL D 29 19.57 3.76 23.70
N ARG D 30 20.51 2.86 23.98
CA ARG D 30 21.17 2.12 22.88
C ARG D 30 20.16 1.33 22.04
N ALA D 31 19.18 0.75 22.73
CA ALA D 31 18.14 -0.08 22.13
C ALA D 31 17.20 0.86 21.33
N SER D 32 16.91 2.03 21.88
CA SER D 32 16.07 3.05 21.13
C SER D 32 16.80 3.41 19.82
N HIS D 33 18.09 3.71 19.95
CA HIS D 33 18.89 4.04 18.78
C HIS D 33 18.95 2.90 17.78
N THR D 34 19.17 1.69 18.28
CA THR D 34 19.20 0.51 17.40
C THR D 34 17.90 0.38 16.58
N MET D 35 16.78 0.45 17.27
CA MET D 35 15.48 0.33 16.57
C MET D 35 15.22 1.49 15.59
N ALA D 36 15.62 2.69 16.00
CA ALA D 36 15.47 3.77 15.05
C ALA D 36 16.31 3.52 13.78
N GLN D 37 17.55 3.07 13.96
CA GLN D 37 18.40 2.78 12.81
C GLN D 37 17.78 1.69 11.90
N THR D 38 17.20 0.66 12.51
CA THR D 38 16.54 -0.43 11.81
C THR D 38 15.48 0.13 10.86
N ASP D 39 14.81 1.19 11.32
CA ASP D 39 13.71 1.81 10.51
C ASP D 39 14.12 2.96 9.60
N ALA D 40 15.42 3.30 9.58
CA ALA D 40 15.86 4.55 8.96
C ALA D 40 15.73 4.46 7.42
N GLY D 41 15.99 3.27 6.89
CA GLY D 41 15.87 3.10 5.44
C GLY D 41 14.43 3.30 5.00
N ARG D 42 13.50 2.60 5.68
CA ARG D 42 12.08 2.66 5.35
C ARG D 42 11.57 4.09 5.57
N MET D 43 12.10 4.74 6.59
CA MET D 43 11.68 6.13 6.92
C MET D 43 12.00 7.16 5.80
N GLU D 44 13.01 6.85 4.96
CA GLU D 44 13.51 7.80 3.96
C GLU D 44 12.41 8.23 3.02
N LYS D 45 11.54 7.29 2.71
CA LYS D 45 10.51 7.61 1.74
C LYS D 45 9.44 8.52 2.26
N TYR D 46 9.36 8.70 3.58
CA TYR D 46 8.36 9.58 4.14
C TYR D 46 8.94 10.91 4.46
N LYS D 47 10.25 11.08 4.22
CA LYS D 47 10.92 12.30 4.69
C LYS D 47 10.25 13.57 4.14
N SER D 48 9.92 13.59 2.86
CA SER D 48 9.30 14.76 2.33
C SER D 48 7.97 15.12 3.05
N PHE D 49 7.10 14.12 3.29
CA PHE D 49 5.84 14.30 4.05
C PHE D 49 6.11 14.81 5.46
N ILE D 50 7.02 14.11 6.14
CA ILE D 50 7.43 14.44 7.50
C ILE D 50 7.85 15.87 7.57
N ASN D 51 8.70 16.29 6.62
CA ASN D 51 9.21 17.66 6.63
C ASN D 51 8.10 18.70 6.37
N ASN D 52 7.20 18.41 5.44
CA ASN D 52 6.05 19.31 5.13
C ASN D 52 5.17 19.49 6.35
N VAL D 53 4.82 18.36 7.00
CA VAL D 53 3.96 18.40 8.21
C VAL D 53 4.66 19.10 9.39
N ALA D 54 5.96 18.90 9.49
CA ALA D 54 6.76 19.45 10.56
C ALA D 54 6.68 20.96 10.41
N LYS D 55 6.95 21.45 9.21
CA LYS D 55 6.89 22.90 8.97
C LYS D 55 5.49 23.48 9.28
N LYS D 56 4.47 22.80 8.81
CA LYS D 56 3.07 23.22 9.12
C LYS D 56 2.81 23.42 10.62
N HIS D 57 3.14 22.41 11.41
CA HIS D 57 2.83 22.40 12.86
C HIS D 57 3.93 22.96 13.74
N VAL D 58 5.10 23.26 13.14
CA VAL D 58 6.21 23.77 13.93
C VAL D 58 6.65 22.72 14.95
N VAL D 59 6.73 21.48 14.49
CA VAL D 59 7.13 20.33 15.32
C VAL D 59 8.48 19.94 14.73
N ASP D 60 9.41 19.42 15.51
CA ASP D 60 10.67 18.91 14.93
C ASP D 60 10.37 17.66 14.07
N PRO D 61 10.84 17.62 12.79
CA PRO D 61 10.73 16.39 11.97
C PRO D 61 11.21 15.10 12.65
N ALA D 62 12.26 15.16 13.48
CA ALA D 62 12.80 13.97 14.14
C ALA D 62 11.82 13.34 15.13
N VAL D 63 11.01 14.18 15.74
CA VAL D 63 9.94 13.71 16.62
C VAL D 63 8.91 12.93 15.82
N ILE D 64 8.52 13.45 14.64
CA ILE D 64 7.51 12.74 13.83
C ILE D 64 8.09 11.42 13.39
N ALA D 65 9.30 11.47 12.84
CA ALA D 65 9.98 10.23 12.55
C ALA D 65 10.03 9.21 13.71
N ALA D 66 10.38 9.68 14.91
CA ALA D 66 10.47 8.82 16.09
C ALA D 66 9.13 8.12 16.41
N ILE D 67 8.04 8.87 16.32
CA ILE D 67 6.71 8.30 16.46
C ILE D 67 6.38 7.33 15.33
N ILE D 68 6.65 7.67 14.06
CA ILE D 68 6.46 6.68 13.00
C ILE D 68 7.21 5.39 13.34
N SER D 69 8.46 5.53 13.78
CA SER D 69 9.29 4.36 14.09
C SER D 69 8.63 3.56 15.24
N ARG D 70 8.31 4.25 16.33
CA ARG D 70 7.78 3.51 17.48
C ARG D 70 6.41 2.87 17.17
N GLU D 71 5.57 3.58 16.44
CA GLU D 71 4.18 3.12 16.26
C GLU D 71 4.00 1.94 15.26
N SER D 72 4.73 1.98 14.15
CA SER D 72 4.53 0.98 13.11
C SER D 72 5.83 0.56 12.47
N ARG D 73 6.99 0.87 13.09
CA ARG D 73 8.28 0.60 12.41
C ARG D 73 8.31 1.15 10.97
N ALA D 74 7.85 2.39 10.80
CA ALA D 74 7.83 3.02 9.50
C ALA D 74 7.08 2.18 8.47
N GLY D 75 5.99 1.59 8.94
CA GLY D 75 5.10 0.84 8.06
C GLY D 75 5.31 -0.65 8.06
N ASN D 76 6.51 -1.10 8.48
CA ASN D 76 6.91 -2.48 8.31
C ASN D 76 5.90 -3.45 8.93
N VAL D 77 5.23 -3.08 10.01
CA VAL D 77 4.32 -4.05 10.59
C VAL D 77 2.84 -3.85 10.19
N ILE D 78 2.55 -2.81 9.42
CA ILE D 78 1.17 -2.56 8.98
C ILE D 78 0.95 -2.61 7.45
N PHE D 79 2.00 -2.71 6.63
CA PHE D 79 1.78 -2.50 5.21
C PHE D 79 1.04 -3.69 4.59
N ASN D 80 1.11 -4.84 5.27
CA ASN D 80 0.56 -6.13 4.77
C ASN D 80 -0.70 -6.59 5.51
N THR D 81 -1.30 -5.72 6.31
CA THR D 81 -2.57 -6.08 6.95
C THR D 81 -3.73 -5.98 5.96
N THR D 82 -4.88 -6.54 6.35
CA THR D 82 -6.06 -6.53 5.50
C THR D 82 -7.26 -5.99 6.33
N PRO D 83 -7.73 -4.80 5.94
CA PRO D 83 -7.03 -3.98 4.94
C PRO D 83 -5.80 -3.25 5.55
N PRO D 84 -4.95 -2.67 4.69
CA PRO D 84 -3.59 -2.18 5.04
C PRO D 84 -3.57 -0.99 6.00
N GLY D 85 -2.50 -0.98 6.80
CA GLY D 85 -2.23 0.16 7.67
C GLY D 85 -2.79 0.01 9.07
N TRP D 86 -3.33 -1.15 9.39
CA TRP D 86 -4.00 -1.36 10.68
C TRP D 86 -3.15 -2.07 11.75
N GLY D 87 -3.23 -1.59 12.99
CA GLY D 87 -2.55 -2.23 14.09
C GLY D 87 -3.44 -2.25 15.31
N ASP D 88 -2.91 -2.80 16.38
CA ASP D 88 -3.59 -2.81 17.66
C ASP D 88 -5.01 -3.43 17.51
N ASN D 89 -5.10 -4.63 16.93
CA ASN D 89 -6.42 -5.22 16.62
C ASN D 89 -7.40 -4.25 15.95
N TYR D 90 -6.94 -3.64 14.84
CA TYR D 90 -7.73 -2.73 13.98
C TYR D 90 -8.24 -1.55 14.80
N ASN D 91 -7.49 -1.16 15.83
CA ASN D 91 -7.83 0.10 16.55
C ASN D 91 -6.91 1.25 16.15
N GLY D 92 -5.70 0.91 15.72
CA GLY D 92 -4.73 1.97 15.36
C GLY D 92 -4.55 2.03 13.85
N PHE D 93 -4.66 3.25 13.30
CA PHE D 93 -4.53 3.39 11.85
C PHE D 93 -3.32 4.22 11.42
N GLY D 94 -2.64 3.72 10.39
CA GLY D 94 -1.59 4.45 9.66
C GLY D 94 -0.20 4.35 10.32
N LEU D 95 0.76 4.97 9.64
CA LEU D 95 2.16 5.06 10.11
C LEU D 95 2.31 5.41 11.57
N MET D 96 1.43 6.29 12.04
CA MET D 96 1.48 6.87 13.41
C MET D 96 0.36 6.39 14.31
N GLN D 97 -0.34 5.38 13.82
CA GLN D 97 -1.35 4.65 14.61
C GLN D 97 -2.35 5.51 15.33
N VAL D 98 -3.09 6.31 14.56
CA VAL D 98 -4.18 7.14 15.18
C VAL D 98 -5.24 6.20 15.72
N ASP D 99 -5.78 6.40 16.95
CA ASP D 99 -6.75 5.45 17.51
C ASP D 99 -8.21 5.76 17.07
N LYS D 100 -8.83 4.84 16.29
CA LYS D 100 -10.12 5.10 15.62
C LYS D 100 -11.18 5.28 16.66
N ARG D 101 -10.91 4.89 17.90
CA ARG D 101 -11.97 5.06 18.90
C ARG D 101 -12.08 6.51 19.28
N TYR D 102 -11.00 7.27 19.11
CA TYR D 102 -11.02 8.65 19.53
C TYR D 102 -11.00 9.66 18.38
N HIS D 103 -10.53 9.23 17.20
CA HIS D 103 -10.38 10.07 16.03
C HIS D 103 -10.83 9.29 14.76
N GLU D 104 -11.50 9.95 13.83
CA GLU D 104 -11.86 9.31 12.60
C GLU D 104 -10.57 9.26 11.79
N PRO D 105 -10.10 8.04 11.45
CA PRO D 105 -8.80 7.94 10.75
C PRO D 105 -8.91 8.42 9.29
N ARG D 106 -8.19 9.48 8.92
CA ARG D 106 -8.23 10.08 7.60
C ARG D 106 -7.00 9.81 6.76
N GLY D 107 -7.19 9.90 5.45
CA GLY D 107 -6.08 9.80 4.54
C GLY D 107 -5.72 8.31 4.31
N ALA D 108 -4.86 8.07 3.32
CA ALA D 108 -4.28 6.74 3.11
C ALA D 108 -3.37 6.52 4.30
N TRP D 109 -3.17 5.24 4.62
CA TRP D 109 -2.38 4.86 5.83
C TRP D 109 -0.94 5.38 5.84
N ASN D 110 -0.39 5.61 4.64
CA ASN D 110 0.98 6.09 4.46
C ASN D 110 0.97 7.50 3.83
N SER D 111 -0.10 8.24 4.06
CA SER D 111 -0.31 9.55 3.46
C SER D 111 0.23 10.73 4.27
N GLU D 112 0.47 11.86 3.57
CA GLU D 112 0.83 13.11 4.23
C GLU D 112 -0.35 13.50 5.12
N GLU D 113 -1.60 13.37 4.61
CA GLU D 113 -2.80 13.76 5.43
C GLU D 113 -2.86 12.95 6.75
N HIS D 114 -2.52 11.67 6.70
CA HIS D 114 -2.47 10.85 7.93
C HIS D 114 -1.40 11.41 8.89
N ILE D 115 -0.20 11.64 8.35
CA ILE D 115 0.89 12.18 9.19
C ILE D 115 0.51 13.52 9.79
N ASP D 116 -0.24 14.29 9.00
CA ASP D 116 -0.71 15.60 9.44
C ASP D 116 -1.71 15.46 10.59
N GLN D 117 -2.68 14.56 10.44
CA GLN D 117 -3.65 14.32 11.52
C GLN D 117 -2.94 13.95 12.79
N ALA D 118 -2.07 12.96 12.68
CA ALA D 118 -1.41 12.41 13.87
C ALA D 118 -0.54 13.49 14.54
N THR D 119 0.22 14.23 13.74
CA THR D 119 1.03 15.33 14.25
C THR D 119 0.12 16.39 14.94
N GLY D 120 -1.00 16.75 14.30
CA GLY D 120 -1.97 17.69 14.95
C GLY D 120 -2.51 17.12 16.30
N ILE D 121 -2.74 15.82 16.39
CA ILE D 121 -3.09 15.23 17.69
C ILE D 121 -1.96 15.44 18.71
N LEU D 122 -0.71 15.20 18.31
CA LEU D 122 0.37 15.48 19.23
C LEU D 122 0.37 16.96 19.62
N VAL D 123 0.16 17.85 18.64
CA VAL D 123 0.27 19.30 18.92
C VAL D 123 -0.79 19.71 19.92
N ASN D 124 -1.99 19.15 19.79
CA ASN D 124 -3.06 19.31 20.81
C ASN D 124 -2.61 18.85 22.20
N PHE D 125 -1.88 17.75 22.25
CA PHE D 125 -1.36 17.28 23.54
C PHE D 125 -0.25 18.16 24.13
N ILE D 126 0.64 18.69 23.29
CA ILE D 126 1.56 19.75 23.69
C ILE D 126 0.85 20.93 24.35
N GLN D 127 -0.19 21.42 23.69
CA GLN D 127 -1.01 22.47 24.25
C GLN D 127 -1.74 22.08 25.56
N LEU D 128 -2.25 20.86 25.65
CA LEU D 128 -2.90 20.44 26.88
C LEU D 128 -1.90 20.28 27.99
N ILE D 129 -0.75 19.65 27.68
CA ILE D 129 0.27 19.48 28.68
C ILE D 129 0.90 20.81 29.15
N GLN D 130 1.12 21.73 28.21
CA GLN D 130 1.71 22.99 28.62
C GLN D 130 0.79 23.73 29.61
N LYS D 131 -0.53 23.62 29.45
CA LYS D 131 -1.51 24.20 30.43
C LYS D 131 -1.58 23.42 31.79
N LYS D 132 -1.60 22.09 31.70
CA LYS D 132 -1.69 21.24 32.90
C LYS D 132 -0.42 21.39 33.75
N PHE D 133 0.77 21.44 33.09
CA PHE D 133 2.04 21.50 33.77
C PHE D 133 2.84 22.77 33.48
N PRO D 134 2.30 23.94 33.86
CA PRO D 134 3.00 25.19 33.47
C PRO D 134 4.31 25.37 34.26
N SER D 135 4.47 24.59 35.32
CA SER D 135 5.73 24.60 36.12
C SER D 135 6.94 24.03 35.32
N TRP D 136 6.67 22.96 34.57
CA TRP D 136 7.70 22.19 33.84
C TRP D 136 8.41 23.03 32.81
N SER D 137 9.63 22.60 32.44
CA SER D 137 10.34 23.21 31.33
C SER D 137 9.69 22.82 30.01
N THR D 138 10.06 23.57 28.98
CA THR D 138 9.52 23.35 27.65
C THR D 138 9.86 21.91 27.20
N GLU D 139 11.06 21.43 27.54
CA GLU D 139 11.48 20.05 27.18
C GLU D 139 10.70 18.97 27.97
N GLN D 140 10.50 19.20 29.25
CA GLN D 140 9.66 18.31 30.01
C GLN D 140 8.19 18.24 29.49
N GLN D 141 7.66 19.40 29.14
CA GLN D 141 6.38 19.42 28.50
C GLN D 141 6.42 18.63 27.20
N LEU D 142 7.44 18.80 26.36
CA LEU D 142 7.45 18.03 25.13
C LEU D 142 7.38 16.50 25.44
N LYS D 143 8.15 16.04 26.42
CA LYS D 143 8.24 14.62 26.76
C LYS D 143 6.86 14.18 27.25
N GLY D 144 6.26 14.99 28.12
CA GLY D 144 4.89 14.67 28.59
C GLY D 144 3.83 14.60 27.48
N ALA D 145 3.86 15.52 26.49
CA ALA D 145 2.95 15.43 25.30
C ALA D 145 3.14 14.15 24.48
N ILE D 146 4.40 13.75 24.27
CA ILE D 146 4.66 12.49 23.63
C ILE D 146 4.08 11.30 24.42
N ALA D 147 4.24 11.32 25.74
CA ALA D 147 3.50 10.33 26.57
C ALA D 147 1.98 10.35 26.40
N ALA D 148 1.43 11.55 26.45
CA ALA D 148 0.02 11.81 26.25
C ALA D 148 -0.47 11.28 24.91
N TYR D 149 0.41 11.33 23.90
CA TYR D 149 0.08 10.81 22.57
C TYR D 149 -0.29 9.33 22.68
N ASN D 150 0.37 8.61 23.60
CA ASN D 150 0.09 7.18 23.78
C ASN D 150 -1.04 6.91 24.77
N THR D 151 -1.07 7.64 25.86
CA THR D 151 -1.95 7.22 26.97
C THR D 151 -3.01 8.28 27.36
N GLY D 152 -2.94 9.43 26.71
CA GLY D 152 -3.80 10.58 27.04
C GLY D 152 -3.27 11.47 28.16
N ASP D 153 -3.56 12.77 28.10
CA ASP D 153 -3.01 13.71 29.07
C ASP D 153 -3.54 13.40 30.48
N GLY D 154 -4.71 12.82 30.56
CA GLY D 154 -5.26 12.51 31.89
C GLY D 154 -4.48 11.41 32.62
N ARG D 155 -3.65 10.66 31.88
CA ARG D 155 -2.84 9.59 32.44
C ARG D 155 -1.34 9.96 32.51
N VAL D 156 -1.03 11.24 32.30
CA VAL D 156 0.29 11.79 32.55
C VAL D 156 0.19 12.61 33.83
N GLU D 157 0.83 12.13 34.89
CA GLU D 157 0.56 12.64 36.24
C GLU D 157 1.72 13.42 36.86
N SER D 158 2.95 12.99 36.55
CA SER D 158 4.11 13.73 36.96
C SER D 158 5.20 13.53 35.94
N TYR D 159 6.28 14.29 36.11
CA TYR D 159 7.38 14.20 35.16
C TYR D 159 8.19 12.96 35.45
N GLU D 160 8.37 12.72 36.74
CA GLU D 160 9.03 11.54 37.24
C GLU D 160 8.32 10.28 36.73
N SER D 161 6.98 10.34 36.68
CA SER D 161 6.17 9.18 36.37
C SER D 161 5.58 9.28 34.95
N VAL D 162 6.15 10.17 34.14
CA VAL D 162 5.61 10.45 32.81
C VAL D 162 5.21 9.20 31.96
N ASP D 163 6.02 8.13 31.96
CA ASP D 163 5.69 6.88 31.15
C ASP D 163 4.99 5.72 31.92
N SER D 164 4.68 5.95 33.18
CA SER D 164 4.19 4.84 34.03
C SER D 164 2.87 4.24 33.54
N ARG D 165 2.03 5.07 32.91
CA ARG D 165 0.77 4.61 32.32
C ARG D 165 0.74 4.39 30.78
N THR D 166 1.93 4.31 30.17
CA THR D 166 2.11 4.09 28.72
C THR D 166 2.41 2.61 28.35
N THR D 167 2.23 2.28 27.07
CA THR D 167 2.54 0.98 26.55
C THR D 167 4.04 0.74 26.79
N GLY D 168 4.38 -0.40 27.40
CA GLY D 168 5.79 -0.74 27.58
C GLY D 168 6.42 0.03 28.74
N LYS D 169 5.64 0.88 29.42
CA LYS D 169 6.15 1.75 30.49
C LYS D 169 7.38 2.60 30.05
N ASP D 170 7.42 3.00 28.79
CA ASP D 170 8.64 3.72 28.32
C ASP D 170 8.32 4.58 27.09
N TYR D 171 7.07 4.95 26.91
CA TYR D 171 6.69 5.45 25.54
C TYR D 171 7.47 6.72 25.13
N SER D 172 7.36 7.74 25.98
CA SER D 172 8.05 9.08 25.67
C SER D 172 9.58 8.91 25.77
N ASN D 173 10.05 8.09 26.71
CA ASN D 173 11.50 7.86 26.81
C ASN D 173 12.02 7.23 25.53
N ASP D 174 11.33 6.18 25.08
CA ASP D 174 11.79 5.55 23.86
C ASP D 174 11.71 6.53 22.69
N VAL D 175 10.56 7.15 22.51
CA VAL D 175 10.32 8.00 21.34
C VAL D 175 11.32 9.14 21.32
N VAL D 176 11.59 9.73 22.49
CA VAL D 176 12.56 10.83 22.59
C VAL D 176 13.98 10.35 22.14
N ALA D 177 14.35 9.13 22.57
CA ALA D 177 15.66 8.49 22.26
C ALA D 177 15.77 8.29 20.76
N ARG D 178 14.73 7.70 20.18
CA ARG D 178 14.74 7.52 18.73
C ARG D 178 14.85 8.87 17.98
N ALA D 179 14.09 9.89 18.45
CA ALA D 179 14.09 11.25 17.83
C ALA D 179 15.49 11.88 17.89
N GLN D 180 16.17 11.70 19.02
CA GLN D 180 17.53 12.19 19.19
C GLN D 180 18.45 11.51 18.18
N TRP D 181 18.22 10.22 17.94
CA TRP D 181 18.96 9.53 16.90
C TRP D 181 18.69 10.04 15.48
N TYR D 182 17.43 10.20 15.11
CA TYR D 182 17.08 10.74 13.79
C TYR D 182 17.59 12.18 13.61
N LYS D 183 17.55 12.98 14.66
CA LYS D 183 18.10 14.35 14.60
C LYS D 183 19.57 14.36 14.16
N LYS D 184 20.36 13.37 14.54
CA LYS D 184 21.73 13.34 14.07
C LYS D 184 21.89 12.46 12.79
N ASN D 185 20.76 12.14 12.14
CA ASN D 185 20.76 11.25 10.97
C ASN D 185 19.73 11.68 9.91
N GLY D 186 19.64 12.99 9.72
CA GLY D 186 19.01 13.55 8.54
C GLY D 186 17.63 14.09 8.80
N PHE D 187 17.27 14.22 10.08
CA PHE D 187 16.01 14.87 10.47
C PHE D 187 16.26 16.01 11.44
#